data_3C7K
#
_entry.id   3C7K
#
_cell.length_a   96.357
_cell.length_b   96.357
_cell.length_c   235.610
_cell.angle_alpha   90.00
_cell.angle_beta   90.00
_cell.angle_gamma   120.00
#
_symmetry.space_group_name_H-M   'P 32 2 1'
#
loop_
_entity.id
_entity.type
_entity.pdbx_description
1 polymer 'Guanine nucleotide-binding protein G(o) subunit alpha'
2 polymer 'Regulator of G-protein signaling 16'
3 non-polymer 'MAGNESIUM ION'
4 non-polymer 'TETRAFLUOROALUMINATE ION'
5 non-polymer "GUANOSINE-5'-DIPHOSPHATE"
6 water water
#
loop_
_entity_poly.entity_id
_entity_poly.type
_entity_poly.pdbx_seq_one_letter_code
_entity_poly.pdbx_strand_id
1 'polypeptide(L)'
;NLKEDGISAAKDVKLLLLGAGESGKSTIVKQMKIIHEDGFSGEDVKQYKPVVYSNTIQSLAAIVRAMDTLGVEYGDKERK
TDSKMVCDVVSRMEDTEPFSAELLSAMMRLWGDSGIQECFNRSREYQLNDSAKYYLDSLDRIGAGDYQPTEQDILRTRVK
TTGIVETHFTFKNLHFRLFDVGGQRSERKKWIHCFEDVTAIIFCVALSGYDQVLHEDETTNRMHESLMLFDSICNNKFFI
DTSIILFLNKKDLFGEKIKKSPLTICFPEYPGSNTYEDAAAYIQTQFESKNRSPNKEIYCHMTCATDTNNIQVVFDAVTD
IIIANNLRGCGLY
;
A,C
2 'polypeptide(L)'
;GSFSEDVLGWRESFDLLLNSKNGVAAFHAFLKTEFSEENLEFWLACEEFKKIRSATKLASRAHHIFDEYIRSEAPKEVNI
DHETRELTKTNLQAATTSCFDVAQGKTRTLMEKDSYPRFLKSPAYRDLA
;
B,D
#
# COMPACT_ATOMS: atom_id res chain seq x y z
N LYS A 14 53.57 -50.16 28.41
CA LYS A 14 54.29 -48.87 28.18
C LYS A 14 53.33 -47.70 28.37
N LEU A 15 53.68 -46.78 29.26
CA LEU A 15 52.86 -45.62 29.56
C LEU A 15 53.65 -44.31 29.42
N LEU A 16 53.06 -43.34 28.73
CA LEU A 16 53.72 -42.05 28.57
C LEU A 16 53.01 -41.01 29.43
N LEU A 17 53.78 -40.35 30.27
CA LEU A 17 53.25 -39.32 31.15
C LEU A 17 53.67 -37.98 30.52
N LEU A 18 53.06 -37.69 29.37
CA LEU A 18 53.34 -36.49 28.60
C LEU A 18 52.49 -35.26 28.91
N GLY A 19 53.07 -34.08 28.65
CA GLY A 19 52.36 -32.85 28.90
C GLY A 19 53.23 -31.63 28.76
N ALA A 20 52.59 -30.47 28.84
CA ALA A 20 53.27 -29.19 28.73
C ALA A 20 54.12 -28.95 29.96
N GLY A 21 54.73 -27.78 30.04
CA GLY A 21 55.56 -27.46 31.18
C GLY A 21 54.77 -27.20 32.45
N GLU A 22 55.34 -27.60 33.57
CA GLU A 22 54.70 -27.41 34.87
C GLU A 22 53.26 -27.91 35.01
N SER A 23 52.90 -28.98 34.30
CA SER A 23 51.55 -29.53 34.38
C SER A 23 51.47 -30.62 35.45
N GLY A 24 52.62 -30.99 36.02
CA GLY A 24 52.63 -31.99 37.07
C GLY A 24 52.97 -33.40 36.64
N LYS A 25 53.43 -33.55 35.41
CA LYS A 25 53.76 -34.89 34.91
C LYS A 25 54.63 -35.58 35.94
N SER A 26 55.39 -34.80 36.71
CA SER A 26 56.24 -35.41 37.71
C SER A 26 55.60 -35.57 39.09
N THR A 27 54.74 -34.64 39.47
CA THR A 27 54.07 -34.76 40.76
C THR A 27 53.23 -36.03 40.67
N ILE A 28 52.74 -36.36 39.47
CA ILE A 28 51.94 -37.58 39.28
C ILE A 28 52.77 -38.86 39.51
N VAL A 29 54.06 -38.79 39.21
CA VAL A 29 54.93 -39.95 39.38
C VAL A 29 55.21 -40.19 40.86
N LYS A 30 55.16 -39.13 41.66
CA LYS A 30 55.40 -39.27 43.09
C LYS A 30 54.17 -39.87 43.78
N GLN A 31 53.12 -40.14 43.01
CA GLN A 31 51.90 -40.74 43.54
C GLN A 31 51.90 -42.17 43.06
N MET A 32 52.80 -42.47 42.14
CA MET A 32 52.95 -43.82 41.64
C MET A 32 53.95 -44.45 42.57
N LYS A 33 54.48 -43.63 43.46
CA LYS A 33 55.46 -44.05 44.44
C LYS A 33 54.66 -44.34 45.70
N ILE A 34 53.80 -43.40 46.06
CA ILE A 34 52.94 -43.56 47.23
C ILE A 34 51.77 -44.44 46.78
N ILE A 35 52.11 -45.54 46.11
CA ILE A 35 51.12 -46.49 45.62
C ILE A 35 51.81 -47.64 44.89
N PHE A 40 58.79 -43.62 49.87
CA PHE A 40 59.85 -42.62 50.04
C PHE A 40 60.70 -42.89 51.27
N SER A 41 61.68 -43.79 51.17
CA SER A 41 62.53 -44.09 52.31
C SER A 41 63.13 -42.81 52.89
N GLY A 42 63.57 -42.88 54.15
CA GLY A 42 64.17 -41.73 54.78
C GLY A 42 65.32 -41.16 53.95
N GLU A 43 66.11 -42.04 53.34
CA GLU A 43 67.23 -41.61 52.51
C GLU A 43 66.72 -40.56 51.52
N ASP A 44 65.51 -40.77 51.01
CA ASP A 44 64.90 -39.87 50.06
C ASP A 44 64.33 -38.63 50.76
N VAL A 45 63.52 -38.84 51.80
CA VAL A 45 62.94 -37.73 52.54
C VAL A 45 64.02 -36.78 53.03
N LYS A 46 65.22 -37.32 53.24
CA LYS A 46 66.35 -36.52 53.71
C LYS A 46 66.83 -35.66 52.54
N GLN A 47 66.54 -36.12 51.33
CA GLN A 47 66.93 -35.44 50.12
C GLN A 47 66.02 -34.26 49.76
N TYR A 48 64.73 -34.37 50.06
CA TYR A 48 63.81 -33.27 49.74
C TYR A 48 63.87 -32.11 50.73
N LYS A 49 64.58 -32.32 51.84
CA LYS A 49 64.70 -31.26 52.83
C LYS A 49 65.28 -30.03 52.14
N PRO A 50 66.36 -30.20 51.36
CA PRO A 50 67.00 -29.09 50.65
C PRO A 50 66.02 -28.44 49.69
N VAL A 51 65.50 -29.28 48.79
CA VAL A 51 64.55 -28.89 47.77
C VAL A 51 63.46 -27.97 48.32
N VAL A 52 62.79 -28.43 49.39
CA VAL A 52 61.72 -27.66 50.04
C VAL A 52 62.22 -26.33 50.59
N TYR A 53 63.51 -26.24 50.83
CA TYR A 53 64.09 -25.02 51.34
C TYR A 53 64.10 -24.06 50.20
N SER A 54 64.65 -24.52 49.08
CA SER A 54 64.74 -23.70 47.88
C SER A 54 63.34 -23.22 47.48
N ASN A 55 62.47 -24.15 47.10
CA ASN A 55 61.12 -23.78 46.70
C ASN A 55 60.52 -22.69 47.56
N THR A 56 60.86 -22.65 48.84
CA THR A 56 60.31 -21.64 49.73
C THR A 56 61.02 -20.29 49.56
N ILE A 57 62.30 -20.27 49.91
CA ILE A 57 63.07 -19.05 49.78
C ILE A 57 62.83 -18.41 48.42
N GLN A 58 62.84 -19.25 47.39
CA GLN A 58 62.64 -18.82 45.99
C GLN A 58 61.31 -18.11 45.76
N SER A 59 60.23 -18.80 46.09
CA SER A 59 58.89 -18.27 45.95
C SER A 59 58.78 -16.93 46.62
N LEU A 60 59.40 -16.80 47.78
CA LEU A 60 59.36 -15.54 48.50
C LEU A 60 60.13 -14.52 47.67
N ALA A 61 61.25 -14.99 47.11
CA ALA A 61 62.13 -14.18 46.28
C ALA A 61 61.36 -13.60 45.11
N ALA A 62 60.61 -14.47 44.44
CA ALA A 62 59.79 -14.13 43.30
C ALA A 62 58.90 -12.93 43.58
N ILE A 63 58.14 -12.99 44.68
CA ILE A 63 57.23 -11.91 45.05
C ILE A 63 57.98 -10.62 45.42
N VAL A 64 59.22 -10.77 45.87
CA VAL A 64 60.01 -9.60 46.24
C VAL A 64 60.32 -8.84 44.96
N ARG A 65 60.85 -9.57 43.98
CA ARG A 65 61.24 -9.02 42.68
C ARG A 65 60.02 -8.42 41.97
N ALA A 66 58.97 -9.21 41.82
CA ALA A 66 57.75 -8.74 41.15
C ALA A 66 57.18 -7.51 41.84
N MET A 67 57.61 -7.25 43.07
CA MET A 67 57.12 -6.10 43.82
C MET A 67 57.56 -4.87 43.04
N ASP A 68 58.75 -4.93 42.49
CA ASP A 68 59.31 -3.83 41.74
C ASP A 68 58.72 -3.74 40.36
N THR A 69 58.74 -4.87 39.67
CA THR A 69 58.25 -4.93 38.31
C THR A 69 56.79 -4.53 38.18
N LEU A 70 56.02 -4.62 39.26
CA LEU A 70 54.61 -4.24 39.22
C LEU A 70 54.30 -2.89 39.88
N GLY A 71 55.26 -2.41 40.67
CA GLY A 71 55.10 -1.14 41.35
C GLY A 71 54.21 -1.30 42.58
N VAL A 72 54.51 -2.30 43.39
CA VAL A 72 53.73 -2.58 44.59
C VAL A 72 54.43 -2.12 45.85
N GLU A 73 53.89 -0.98 46.43
CA GLU A 73 54.48 -0.39 47.62
C GLU A 73 54.39 -1.34 48.81
N TYR A 74 55.52 -1.44 49.61
CA TYR A 74 55.61 -2.28 50.80
C TYR A 74 54.66 -1.76 51.87
N GLY A 75 54.08 -2.68 52.62
CA GLY A 75 53.18 -2.28 53.67
C GLY A 75 53.95 -1.65 54.82
N ASP A 76 55.26 -1.87 54.82
CA ASP A 76 56.13 -1.33 55.86
C ASP A 76 57.58 -1.19 55.35
N LYS A 77 58.01 0.06 55.14
CA LYS A 77 59.36 0.34 54.66
C LYS A 77 60.40 -0.57 55.30
N GLU A 78 60.30 -0.74 56.62
CA GLU A 78 61.24 -1.57 57.37
C GLU A 78 61.33 -3.00 56.87
N ARG A 79 60.72 -3.27 55.72
CA ARG A 79 60.76 -4.60 55.14
C ARG A 79 61.80 -4.68 54.03
N LYS A 80 62.16 -3.53 53.46
CA LYS A 80 63.15 -3.48 52.40
C LYS A 80 64.43 -4.15 52.90
N THR A 81 64.61 -4.10 54.22
CA THR A 81 65.77 -4.69 54.87
C THR A 81 65.73 -6.20 54.76
N ASP A 82 64.96 -6.82 55.67
CA ASP A 82 64.84 -8.27 55.67
C ASP A 82 64.56 -8.78 54.27
N SER A 83 63.94 -7.93 53.45
CA SER A 83 63.63 -8.29 52.07
C SER A 83 64.93 -8.63 51.34
N LYS A 84 65.73 -7.60 51.08
CA LYS A 84 67.00 -7.76 50.38
C LYS A 84 67.88 -8.85 51.01
N MET A 85 67.75 -9.05 52.30
CA MET A 85 68.51 -10.07 53.02
C MET A 85 68.22 -11.45 52.43
N VAL A 86 67.07 -11.56 51.76
CA VAL A 86 66.67 -12.83 51.14
C VAL A 86 67.28 -13.01 49.77
N CYS A 87 67.20 -11.97 48.96
CA CYS A 87 67.75 -12.03 47.62
C CYS A 87 69.23 -12.39 47.64
N ASP A 88 69.93 -11.94 48.66
CA ASP A 88 71.34 -12.24 48.80
C ASP A 88 71.50 -13.73 49.00
N VAL A 89 70.60 -14.31 49.78
CA VAL A 89 70.64 -15.74 50.03
C VAL A 89 70.47 -16.46 48.69
N VAL A 90 69.42 -16.11 47.95
CA VAL A 90 69.19 -16.74 46.65
C VAL A 90 70.46 -16.60 45.84
N SER A 91 71.00 -15.38 45.86
CA SER A 91 72.23 -15.04 45.16
C SER A 91 73.40 -15.89 45.64
N ARG A 92 73.75 -15.76 46.92
CA ARG A 92 74.84 -16.52 47.51
C ARG A 92 74.63 -18.02 47.28
N MET A 93 73.50 -18.40 46.71
CA MET A 93 73.18 -19.81 46.45
C MET A 93 72.94 -20.59 47.74
N GLU A 94 73.20 -19.95 48.88
CA GLU A 94 73.02 -20.56 50.19
C GLU A 94 71.53 -20.76 50.53
N ASP A 95 70.71 -20.93 49.50
CA ASP A 95 69.27 -21.10 49.71
C ASP A 95 68.83 -22.55 49.66
N THR A 96 69.78 -23.47 49.68
CA THR A 96 69.42 -24.88 49.66
C THR A 96 69.67 -25.42 51.06
N GLU A 97 70.20 -24.54 51.91
CA GLU A 97 70.51 -24.88 53.30
C GLU A 97 69.54 -24.25 54.30
N PRO A 98 69.20 -25.00 55.37
CA PRO A 98 68.28 -24.59 56.44
C PRO A 98 68.33 -23.13 56.84
N PHE A 99 67.15 -22.54 56.90
CA PHE A 99 66.96 -21.13 57.22
C PHE A 99 67.67 -20.68 58.49
N SER A 100 68.62 -19.76 58.34
CA SER A 100 69.32 -19.24 59.50
C SER A 100 68.23 -18.53 60.29
N ALA A 101 68.37 -18.49 61.61
CA ALA A 101 67.38 -17.85 62.46
C ALA A 101 66.89 -16.51 61.91
N GLU A 102 67.83 -15.63 61.57
CA GLU A 102 67.49 -14.31 61.04
C GLU A 102 66.71 -14.37 59.74
N LEU A 103 66.78 -15.50 59.05
CA LEU A 103 66.09 -15.67 57.78
C LEU A 103 64.65 -16.12 58.00
N LEU A 104 64.50 -17.27 58.65
CA LEU A 104 63.17 -17.83 58.93
C LEU A 104 62.27 -16.74 59.47
N SER A 105 62.88 -15.68 60.01
CA SER A 105 62.11 -14.57 60.55
C SER A 105 61.90 -13.51 59.49
N ALA A 106 62.99 -13.16 58.80
CA ALA A 106 62.95 -12.14 57.74
C ALA A 106 61.86 -12.49 56.74
N MET A 107 61.71 -13.79 56.49
CA MET A 107 60.70 -14.30 55.56
C MET A 107 59.32 -14.30 56.21
N MET A 108 59.23 -14.81 57.43
CA MET A 108 57.97 -14.82 58.13
C MET A 108 57.45 -13.39 58.28
N ARG A 109 58.32 -12.47 58.67
CA ARG A 109 57.94 -11.08 58.85
C ARG A 109 57.53 -10.46 57.53
N LEU A 110 58.21 -10.88 56.47
CA LEU A 110 57.96 -10.38 55.11
C LEU A 110 56.66 -10.95 54.55
N TRP A 111 56.54 -12.27 54.62
CA TRP A 111 55.37 -13.01 54.16
C TRP A 111 54.15 -12.44 54.87
N GLY A 112 54.40 -11.60 55.86
CA GLY A 112 53.35 -10.98 56.63
C GLY A 112 53.16 -9.49 56.42
N ASP A 113 53.69 -8.97 55.32
CA ASP A 113 53.51 -7.56 55.02
C ASP A 113 52.31 -7.49 54.08
N SER A 114 51.56 -6.38 54.12
CA SER A 114 50.39 -6.22 53.24
C SER A 114 50.81 -6.10 51.77
N GLY A 115 51.91 -5.41 51.52
CA GLY A 115 52.41 -5.26 50.16
C GLY A 115 52.67 -6.61 49.52
N ILE A 116 53.50 -7.40 50.17
CA ILE A 116 53.80 -8.75 49.71
C ILE A 116 52.51 -9.44 49.31
N GLN A 117 51.50 -9.31 50.15
CA GLN A 117 50.21 -9.92 49.92
C GLN A 117 49.52 -9.32 48.71
N GLU A 118 49.60 -8.00 48.59
CA GLU A 118 48.98 -7.31 47.47
C GLU A 118 49.60 -7.81 46.16
N CYS A 119 50.93 -7.84 46.11
CA CYS A 119 51.67 -8.29 44.95
C CYS A 119 51.53 -9.81 44.76
N PHE A 120 51.28 -10.52 45.85
CA PHE A 120 51.12 -11.96 45.77
C PHE A 120 49.79 -12.28 45.10
N ASN A 121 48.77 -11.47 45.41
CA ASN A 121 47.44 -11.67 44.84
C ASN A 121 47.43 -11.40 43.35
N ARG A 122 48.47 -10.72 42.87
CA ARG A 122 48.62 -10.43 41.46
C ARG A 122 49.59 -11.44 40.84
N SER A 123 49.79 -12.56 41.53
CA SER A 123 50.71 -13.59 41.08
C SER A 123 50.44 -14.18 39.71
N ARG A 124 49.38 -13.71 39.05
CA ARG A 124 49.08 -14.22 37.70
C ARG A 124 49.83 -13.34 36.68
N GLU A 125 50.34 -12.20 37.15
CA GLU A 125 51.04 -11.27 36.29
C GLU A 125 52.51 -11.59 36.13
N TYR A 126 52.98 -12.58 36.87
CA TYR A 126 54.37 -12.99 36.78
C TYR A 126 54.48 -14.48 37.02
N GLN A 127 55.72 -14.96 37.07
CA GLN A 127 55.95 -16.36 37.28
C GLN A 127 56.30 -16.62 38.75
N LEU A 128 55.38 -17.28 39.44
CA LEU A 128 55.54 -17.59 40.84
C LEU A 128 55.20 -19.07 41.07
N ASN A 129 56.05 -19.75 41.84
CA ASN A 129 55.89 -21.17 42.16
C ASN A 129 54.45 -21.58 42.44
N ASP A 130 54.07 -22.76 41.97
CA ASP A 130 52.71 -23.23 42.23
C ASP A 130 52.50 -23.40 43.73
N SER A 131 53.44 -24.07 44.37
CA SER A 131 53.36 -24.35 45.80
C SER A 131 53.81 -23.18 46.66
N ALA A 132 53.93 -22.01 46.05
CA ALA A 132 54.36 -20.81 46.77
C ALA A 132 53.55 -20.58 48.06
N LYS A 133 52.23 -20.52 47.95
CA LYS A 133 51.36 -20.32 49.10
C LYS A 133 51.63 -21.38 50.16
N TYR A 134 51.33 -22.63 49.79
CA TYR A 134 51.50 -23.78 50.66
C TYR A 134 52.78 -23.79 51.48
N TYR A 135 53.92 -23.54 50.86
CA TYR A 135 55.15 -23.53 51.60
C TYR A 135 55.25 -22.33 52.52
N LEU A 136 55.02 -21.13 51.99
CA LEU A 136 55.11 -19.94 52.83
C LEU A 136 54.13 -19.95 54.00
N ASP A 137 53.08 -20.77 53.89
CA ASP A 137 52.10 -20.89 54.96
C ASP A 137 52.57 -22.00 55.90
N SER A 138 53.86 -22.30 55.82
CA SER A 138 54.51 -23.32 56.66
C SER A 138 55.99 -22.96 56.86
N LEU A 139 56.29 -21.66 56.94
CA LEU A 139 57.65 -21.18 57.15
C LEU A 139 58.20 -21.70 58.46
N ASP A 140 57.34 -21.67 59.47
CA ASP A 140 57.68 -22.13 60.79
C ASP A 140 57.72 -23.64 60.79
N ARG A 141 56.64 -24.24 60.32
CA ARG A 141 56.53 -25.69 60.26
C ARG A 141 57.79 -26.40 59.72
N ILE A 142 58.38 -25.86 58.65
CA ILE A 142 59.58 -26.48 58.04
C ILE A 142 60.87 -25.90 58.56
N GLY A 143 60.79 -24.74 59.23
CA GLY A 143 61.99 -24.13 59.78
C GLY A 143 62.36 -24.66 61.16
N ALA A 144 62.12 -25.95 61.38
CA ALA A 144 62.42 -26.58 62.66
C ALA A 144 63.73 -27.35 62.56
N GLY A 145 64.57 -27.25 63.59
CA GLY A 145 65.84 -27.94 63.58
C GLY A 145 65.68 -29.45 63.41
N ASP A 146 64.52 -29.95 63.83
CA ASP A 146 64.20 -31.38 63.74
C ASP A 146 63.43 -31.76 62.47
N TYR A 147 63.00 -30.75 61.71
CA TYR A 147 62.21 -30.95 60.51
C TYR A 147 62.54 -32.13 59.61
N GLN A 148 61.48 -32.80 59.21
CA GLN A 148 61.50 -33.95 58.31
C GLN A 148 60.31 -33.70 57.34
N PRO A 149 60.54 -33.85 56.03
CA PRO A 149 59.57 -33.65 54.94
C PRO A 149 58.28 -34.47 55.00
N THR A 150 57.16 -33.76 54.88
CA THR A 150 55.82 -34.34 54.90
C THR A 150 55.53 -35.12 53.62
N GLU A 151 54.60 -36.07 53.71
CA GLU A 151 54.22 -36.89 52.57
C GLU A 151 53.86 -35.95 51.43
N GLN A 152 53.27 -34.82 51.81
CA GLN A 152 52.85 -33.77 50.89
C GLN A 152 54.02 -32.87 50.49
N ASP A 153 54.80 -32.41 51.47
CA ASP A 153 55.96 -31.55 51.19
C ASP A 153 56.81 -32.04 50.02
N ILE A 154 56.96 -33.36 49.92
CA ILE A 154 57.73 -33.98 48.83
C ILE A 154 56.99 -33.78 47.50
N LEU A 155 55.66 -33.81 47.55
CA LEU A 155 54.81 -33.65 46.37
C LEU A 155 54.77 -32.21 45.87
N ARG A 156 54.43 -31.28 46.76
CA ARG A 156 54.35 -29.87 46.41
C ARG A 156 55.66 -29.28 45.88
N THR A 157 56.70 -30.10 45.78
CA THR A 157 58.01 -29.62 45.29
C THR A 157 58.04 -29.41 43.78
N ARG A 158 59.00 -28.59 43.35
CA ARG A 158 59.16 -28.27 41.95
C ARG A 158 60.63 -28.36 41.51
N VAL A 159 60.84 -29.21 40.50
CA VAL A 159 62.16 -29.42 39.90
C VAL A 159 62.01 -29.78 38.42
N LYS A 160 62.24 -28.78 37.57
CA LYS A 160 62.11 -28.94 36.12
C LYS A 160 62.81 -30.21 35.66
N THR A 161 62.02 -31.12 35.11
CA THR A 161 62.51 -32.40 34.63
C THR A 161 63.12 -32.27 33.23
N THR A 162 64.32 -32.80 33.04
CA THR A 162 64.97 -32.73 31.74
C THR A 162 65.24 -34.12 31.14
N GLY A 163 64.90 -34.29 29.86
CA GLY A 163 65.10 -35.58 29.22
C GLY A 163 63.94 -36.52 29.52
N ILE A 164 64.14 -37.82 29.33
CA ILE A 164 63.08 -38.80 29.62
C ILE A 164 63.55 -39.68 30.78
N VAL A 165 62.77 -39.71 31.85
CA VAL A 165 63.09 -40.51 33.02
C VAL A 165 62.15 -41.72 33.13
N GLU A 166 62.70 -42.94 33.00
CA GLU A 166 61.89 -44.15 33.07
C GLU A 166 61.92 -44.85 34.43
N THR A 167 60.74 -45.19 34.94
CA THR A 167 60.55 -45.88 36.22
C THR A 167 59.59 -47.05 35.98
N HIS A 168 59.77 -48.14 36.70
CA HIS A 168 58.90 -49.31 36.53
C HIS A 168 58.07 -49.67 37.77
N PHE A 169 57.03 -50.48 37.55
CA PHE A 169 56.16 -50.94 38.62
C PHE A 169 54.91 -51.62 38.08
N THR A 170 54.40 -52.61 38.82
CA THR A 170 53.19 -53.33 38.40
C THR A 170 52.10 -53.22 39.47
N PHE A 171 50.90 -52.87 39.03
CA PHE A 171 49.76 -52.68 39.92
C PHE A 171 48.85 -53.89 39.92
N LYS A 172 47.86 -53.86 39.03
CA LYS A 172 46.91 -54.95 38.93
C LYS A 172 47.47 -55.94 37.92
N ASN A 173 48.61 -56.54 38.26
CA ASN A 173 49.29 -57.51 37.42
C ASN A 173 49.84 -56.86 36.16
N ARG A 177 55.77 -50.10 32.71
CA ARG A 177 56.83 -49.20 32.27
C ARG A 177 56.38 -47.74 32.28
N LEU A 178 57.08 -46.88 33.02
CA LEU A 178 56.70 -45.48 33.09
C LEU A 178 57.71 -44.57 32.41
N PHE A 179 57.21 -43.52 31.77
CA PHE A 179 58.09 -42.58 31.08
C PHE A 179 57.72 -41.14 31.40
N ASP A 180 58.65 -40.47 32.08
CA ASP A 180 58.51 -39.07 32.49
C ASP A 180 59.30 -38.25 31.47
N VAL A 181 58.86 -37.03 31.22
CA VAL A 181 59.55 -36.18 30.24
C VAL A 181 59.64 -34.71 30.65
N GLY A 182 60.18 -33.90 29.73
CA GLY A 182 60.30 -32.48 29.98
C GLY A 182 59.19 -31.81 29.20
N GLY A 183 58.47 -30.90 29.85
CA GLY A 183 57.36 -30.22 29.19
C GLY A 183 57.67 -29.02 28.29
N GLN A 184 58.74 -28.31 28.59
CA GLN A 184 59.10 -27.14 27.78
C GLN A 184 59.40 -27.53 26.33
N ARG A 185 59.18 -26.58 25.43
CA ARG A 185 59.39 -26.76 23.98
C ARG A 185 60.72 -27.38 23.52
N SER A 186 61.79 -27.08 24.23
CA SER A 186 63.10 -27.59 23.83
C SER A 186 63.34 -29.03 24.23
N GLU A 187 62.35 -29.62 24.89
CA GLU A 187 62.44 -31.00 25.33
C GLU A 187 61.66 -31.86 24.35
N ARG A 188 60.59 -31.28 23.82
CA ARG A 188 59.72 -32.01 22.91
C ARG A 188 60.37 -32.64 21.68
N LYS A 189 61.56 -32.20 21.28
CA LYS A 189 62.16 -32.81 20.12
C LYS A 189 62.67 -34.21 20.48
N LYS A 190 62.94 -34.41 21.78
CA LYS A 190 63.44 -35.69 22.31
C LYS A 190 62.34 -36.72 22.56
N TRP A 191 61.10 -36.25 22.62
CA TRP A 191 59.96 -37.12 22.85
C TRP A 191 59.85 -38.24 21.83
N ILE A 192 59.94 -37.86 20.56
CA ILE A 192 59.85 -38.78 19.42
C ILE A 192 60.51 -40.15 19.65
N HIS A 193 61.41 -40.25 20.61
CA HIS A 193 62.09 -41.51 20.86
C HIS A 193 61.20 -42.57 21.50
N CYS A 194 60.86 -42.40 22.78
CA CYS A 194 60.02 -43.37 23.47
C CYS A 194 58.58 -43.40 22.90
N PHE A 195 58.43 -43.00 21.64
CA PHE A 195 57.11 -42.97 21.00
C PHE A 195 56.68 -44.29 20.36
N GLU A 196 57.57 -45.27 20.44
CA GLU A 196 57.30 -46.59 19.87
C GLU A 196 56.48 -47.40 20.87
N ASP A 197 55.45 -48.06 20.35
CA ASP A 197 54.56 -48.87 21.15
C ASP A 197 54.27 -48.27 22.51
N VAL A 198 53.31 -47.35 22.53
CA VAL A 198 52.91 -46.72 23.77
C VAL A 198 51.53 -47.23 24.10
N THR A 199 51.44 -48.04 25.16
CA THR A 199 50.15 -48.59 25.56
C THR A 199 49.15 -47.46 25.66
N ALA A 200 49.30 -46.66 26.71
CA ALA A 200 48.42 -45.54 26.91
C ALA A 200 49.25 -44.30 27.23
N ILE A 201 48.60 -43.15 27.19
CA ILE A 201 49.24 -41.89 27.47
C ILE A 201 48.37 -41.05 28.39
N ILE A 202 48.95 -40.62 29.50
CA ILE A 202 48.25 -39.75 30.43
C ILE A 202 48.75 -38.37 30.04
N PHE A 203 47.83 -37.46 29.73
CA PHE A 203 48.22 -36.13 29.35
C PHE A 203 47.82 -35.10 30.42
N CYS A 204 48.82 -34.51 31.07
CA CYS A 204 48.55 -33.52 32.12
C CYS A 204 48.28 -32.15 31.55
N VAL A 205 47.41 -31.40 32.21
CA VAL A 205 47.07 -30.06 31.75
C VAL A 205 46.75 -29.17 32.92
N ALA A 206 47.55 -28.16 33.16
CA ALA A 206 47.27 -27.30 34.29
C ALA A 206 46.06 -26.38 34.08
N LEU A 207 44.93 -26.75 34.68
CA LEU A 207 43.72 -25.94 34.57
C LEU A 207 44.02 -24.50 34.91
N SER A 208 44.94 -24.30 35.86
CA SER A 208 45.33 -22.98 36.33
C SER A 208 45.99 -22.13 35.27
N GLY A 209 46.57 -22.78 34.27
CA GLY A 209 47.24 -22.07 33.20
C GLY A 209 46.40 -21.19 32.29
N TYR A 210 45.09 -21.37 32.24
CA TYR A 210 44.27 -20.55 31.36
C TYR A 210 44.58 -19.06 31.29
N ASP A 211 45.12 -18.49 32.35
CA ASP A 211 45.41 -17.06 32.30
C ASP A 211 46.87 -16.71 32.58
N GLN A 212 47.75 -17.66 32.29
CA GLN A 212 49.20 -17.51 32.48
C GLN A 212 49.91 -17.68 31.14
N VAL A 213 51.23 -17.44 31.13
CA VAL A 213 52.00 -17.59 29.92
C VAL A 213 53.16 -18.55 30.14
N LEU A 214 53.64 -19.13 29.06
CA LEU A 214 54.72 -20.09 29.14
C LEU A 214 55.94 -19.54 29.81
N HIS A 215 56.74 -20.46 30.27
CA HIS A 215 58.00 -20.14 30.92
C HIS A 215 58.92 -19.70 29.77
N GLU A 216 58.95 -20.48 28.69
CA GLU A 216 59.80 -20.20 27.52
C GLU A 216 59.61 -18.85 26.80
N ASP A 217 58.40 -18.33 26.69
CA ASP A 217 58.23 -16.99 26.09
C ASP A 217 57.12 -16.33 26.87
N GLU A 218 57.41 -15.18 27.47
CA GLU A 218 56.38 -14.53 28.26
C GLU A 218 55.21 -14.06 27.42
N THR A 219 54.92 -14.77 26.35
CA THR A 219 53.84 -14.40 25.43
C THR A 219 52.68 -15.36 25.35
N THR A 220 52.98 -16.59 24.91
CA THR A 220 51.99 -17.65 24.71
C THR A 220 51.18 -18.05 25.94
N ASN A 221 49.87 -18.16 25.76
CA ASN A 221 48.98 -18.54 26.84
C ASN A 221 49.17 -20.03 27.16
N ARG A 222 49.61 -20.32 28.38
CA ARG A 222 49.85 -21.69 28.79
C ARG A 222 48.75 -22.64 28.37
N MET A 223 47.50 -22.25 28.64
CA MET A 223 46.35 -23.09 28.29
C MET A 223 46.40 -23.44 26.82
N HIS A 224 46.53 -22.40 26.00
CA HIS A 224 46.60 -22.51 24.55
C HIS A 224 47.71 -23.45 24.13
N GLU A 225 48.90 -23.30 24.70
CA GLU A 225 49.99 -24.18 24.31
C GLU A 225 49.59 -25.63 24.54
N SER A 226 48.91 -25.89 25.65
CA SER A 226 48.50 -27.25 25.97
C SER A 226 47.64 -27.80 24.85
N LEU A 227 46.63 -27.03 24.46
CA LEU A 227 45.75 -27.41 23.38
C LEU A 227 46.53 -27.69 22.09
N MET A 228 47.44 -26.81 21.70
CA MET A 228 48.19 -27.02 20.47
C MET A 228 49.09 -28.22 20.68
N LEU A 229 49.52 -28.43 21.92
CA LEU A 229 50.38 -29.57 22.20
C LEU A 229 49.58 -30.85 22.05
N PHE A 230 48.52 -30.97 22.85
CA PHE A 230 47.64 -32.14 22.81
C PHE A 230 47.19 -32.47 21.40
N ASP A 231 46.74 -31.46 20.68
CA ASP A 231 46.26 -31.64 19.31
C ASP A 231 47.32 -32.40 18.53
N SER A 232 48.58 -32.03 18.76
CA SER A 232 49.68 -32.68 18.08
C SER A 232 49.80 -34.12 18.55
N ILE A 233 49.92 -34.28 19.87
CA ILE A 233 50.06 -35.59 20.50
C ILE A 233 48.85 -36.48 20.28
N CYS A 234 47.66 -35.91 20.38
CA CYS A 234 46.44 -36.67 20.21
C CYS A 234 46.33 -37.37 18.85
N ASN A 235 46.37 -36.60 17.77
CA ASN A 235 46.24 -37.18 16.46
C ASN A 235 47.55 -37.63 15.84
N ASN A 236 48.41 -38.27 16.63
CA ASN A 236 49.66 -38.75 16.08
C ASN A 236 49.37 -40.16 15.61
N LYS A 237 50.01 -40.58 14.52
CA LYS A 237 49.80 -41.92 13.98
C LYS A 237 50.24 -43.00 14.98
N PHE A 238 51.42 -42.81 15.55
CA PHE A 238 51.99 -43.75 16.52
C PHE A 238 51.00 -44.17 17.58
N PHE A 239 49.92 -43.42 17.77
CA PHE A 239 48.95 -43.72 18.82
C PHE A 239 47.53 -44.02 18.35
N ILE A 240 47.37 -44.60 17.15
CA ILE A 240 46.04 -44.91 16.63
C ILE A 240 45.36 -45.90 17.56
N ASP A 241 46.07 -46.96 17.92
CA ASP A 241 45.55 -47.98 18.81
C ASP A 241 46.17 -47.82 20.19
N THR A 242 46.22 -46.58 20.66
CA THR A 242 46.77 -46.25 21.96
C THR A 242 45.73 -45.49 22.78
N SER A 243 45.66 -45.81 24.07
CA SER A 243 44.70 -45.18 24.98
C SER A 243 45.16 -43.77 25.37
N ILE A 244 44.31 -42.78 25.08
CA ILE A 244 44.63 -41.38 25.40
C ILE A 244 43.83 -40.89 26.60
N ILE A 245 44.49 -40.79 27.74
CA ILE A 245 43.82 -40.34 28.93
C ILE A 245 44.29 -38.93 29.27
N LEU A 246 43.35 -38.02 29.47
CA LEU A 246 43.62 -36.62 29.75
C LEU A 246 43.41 -36.22 31.23
N PHE A 247 44.47 -35.73 31.88
CA PHE A 247 44.36 -35.29 33.28
C PHE A 247 44.28 -33.78 33.40
N LEU A 248 43.08 -33.24 33.55
CA LEU A 248 42.93 -31.80 33.68
C LEU A 248 43.37 -31.41 35.08
N ASN A 249 44.63 -31.70 35.38
CA ASN A 249 45.25 -31.44 36.67
C ASN A 249 45.10 -30.04 37.28
N LYS A 250 45.59 -29.90 38.50
CA LYS A 250 45.54 -28.65 39.27
C LYS A 250 44.13 -28.09 39.35
N LYS A 251 43.16 -28.99 39.51
CA LYS A 251 41.77 -28.59 39.61
C LYS A 251 41.51 -27.79 40.88
N ASP A 252 42.41 -27.93 41.87
CA ASP A 252 42.25 -27.20 43.13
C ASP A 252 42.62 -25.73 42.96
N LEU A 253 43.76 -25.47 42.34
CA LEU A 253 44.21 -24.09 42.11
C LEU A 253 43.17 -23.41 41.23
N PHE A 254 42.71 -24.13 40.22
CA PHE A 254 41.71 -23.67 39.27
C PHE A 254 40.45 -23.17 39.95
N GLY A 255 40.00 -23.94 40.95
CA GLY A 255 38.79 -23.58 41.67
C GLY A 255 38.87 -22.31 42.51
N GLU A 256 40.00 -22.10 43.19
CA GLU A 256 40.11 -20.93 44.03
C GLU A 256 40.37 -19.63 43.26
N LYS A 257 40.55 -19.74 41.95
CA LYS A 257 40.85 -18.56 41.13
C LYS A 257 39.74 -18.23 40.13
N ILE A 258 39.13 -19.28 39.57
CA ILE A 258 38.08 -19.11 38.58
C ILE A 258 37.04 -18.08 38.98
N LYS A 259 36.83 -17.90 40.28
CA LYS A 259 35.85 -16.94 40.74
C LYS A 259 36.27 -15.48 40.57
N LYS A 260 37.57 -15.23 40.61
CA LYS A 260 38.07 -13.87 40.48
C LYS A 260 38.93 -13.63 39.24
N SER A 261 38.99 -14.63 38.36
CA SER A 261 39.78 -14.50 37.15
C SER A 261 38.99 -15.10 36.00
N PRO A 262 38.40 -14.24 35.16
CA PRO A 262 37.59 -14.63 34.01
C PRO A 262 38.25 -15.64 33.09
N LEU A 263 37.48 -16.64 32.67
CA LEU A 263 38.02 -17.65 31.77
C LEU A 263 38.19 -17.05 30.39
N THR A 264 37.57 -15.90 30.16
CA THR A 264 37.68 -15.25 28.87
C THR A 264 39.11 -14.75 28.67
N ILE A 265 39.87 -14.65 29.74
CA ILE A 265 41.26 -14.21 29.62
C ILE A 265 41.97 -15.25 28.75
N CYS A 266 41.32 -16.37 28.52
CA CYS A 266 41.90 -17.39 27.71
C CYS A 266 41.10 -17.55 26.41
N PHE A 267 39.78 -17.60 26.55
CA PHE A 267 38.94 -17.74 25.40
C PHE A 267 38.02 -16.56 25.33
N PRO A 268 38.34 -15.59 24.47
CA PRO A 268 37.51 -14.38 24.33
C PRO A 268 36.08 -14.81 24.09
N GLU A 269 35.97 -15.90 23.35
CA GLU A 269 34.70 -16.49 22.98
C GLU A 269 33.86 -17.00 24.15
N TYR A 270 34.50 -17.67 25.10
CA TYR A 270 33.79 -18.24 26.23
C TYR A 270 32.58 -17.44 26.70
N PRO A 271 31.39 -17.95 26.39
CA PRO A 271 30.09 -17.37 26.72
C PRO A 271 29.50 -17.80 28.07
N GLY A 272 30.07 -18.83 28.69
CA GLY A 272 29.56 -19.29 29.97
C GLY A 272 29.78 -18.30 31.11
N SER A 273 29.42 -18.71 32.32
CA SER A 273 29.59 -17.86 33.49
C SER A 273 30.81 -18.40 34.21
N ASN A 274 31.53 -17.53 34.90
CA ASN A 274 32.74 -17.98 35.57
C ASN A 274 32.55 -18.76 36.85
N THR A 275 32.31 -20.05 36.67
CA THR A 275 32.09 -20.97 37.77
C THR A 275 32.81 -22.26 37.48
N TYR A 276 33.31 -22.91 38.54
CA TYR A 276 34.03 -24.16 38.43
C TYR A 276 33.42 -25.13 37.41
N GLU A 277 32.13 -25.40 37.53
CA GLU A 277 31.45 -26.33 36.61
C GLU A 277 31.44 -25.83 35.18
N ASP A 278 31.00 -24.57 35.01
CA ASP A 278 30.95 -23.98 33.69
C ASP A 278 32.30 -23.98 32.99
N ALA A 279 33.26 -23.23 33.50
CA ALA A 279 34.58 -23.19 32.89
C ALA A 279 35.21 -24.58 32.69
N ALA A 280 34.95 -25.52 33.58
CA ALA A 280 35.54 -26.83 33.43
C ALA A 280 34.89 -27.56 32.27
N ALA A 281 33.59 -27.35 32.11
CA ALA A 281 32.86 -27.96 31.01
C ALA A 281 33.50 -27.53 29.69
N TYR A 282 33.63 -26.21 29.52
CA TYR A 282 34.21 -25.58 28.34
C TYR A 282 35.65 -26.05 28.12
N ILE A 283 36.49 -25.90 29.13
CA ILE A 283 37.89 -26.30 29.02
C ILE A 283 38.02 -27.77 28.64
N GLN A 284 37.00 -28.53 28.99
CA GLN A 284 37.01 -29.94 28.70
C GLN A 284 36.59 -30.21 27.27
N THR A 285 35.71 -29.36 26.76
CA THR A 285 35.23 -29.50 25.41
C THR A 285 36.31 -29.10 24.42
N GLN A 286 37.08 -28.07 24.75
CA GLN A 286 38.14 -27.61 23.87
C GLN A 286 39.18 -28.69 23.57
N PHE A 287 39.62 -29.42 24.60
CA PHE A 287 40.61 -30.47 24.38
C PHE A 287 40.02 -31.63 23.59
N GLU A 288 38.84 -32.06 23.98
CA GLU A 288 38.19 -33.18 23.33
C GLU A 288 37.93 -32.93 21.84
N SER A 289 37.79 -31.66 21.47
CA SER A 289 37.54 -31.32 20.07
C SER A 289 38.81 -31.39 19.23
N LYS A 290 39.96 -31.36 19.87
CA LYS A 290 41.21 -31.43 19.14
C LYS A 290 41.48 -32.86 18.67
N ASN A 291 40.46 -33.72 18.77
CA ASN A 291 40.57 -35.11 18.35
C ASN A 291 40.03 -35.32 16.92
N ARG A 292 40.80 -36.00 16.07
CA ARG A 292 40.39 -36.22 14.69
C ARG A 292 39.57 -37.48 14.40
N SER A 293 40.25 -38.62 14.25
CA SER A 293 39.55 -39.87 13.94
C SER A 293 38.36 -40.14 14.85
N PRO A 294 37.14 -40.18 14.29
CA PRO A 294 35.87 -40.43 15.02
C PRO A 294 35.90 -41.82 15.64
N ASN A 295 36.76 -42.66 15.07
CA ASN A 295 36.98 -44.02 15.53
C ASN A 295 38.05 -43.92 16.61
N LYS A 296 37.69 -43.36 17.76
CA LYS A 296 38.62 -43.19 18.87
C LYS A 296 37.85 -42.52 20.01
N GLU A 297 38.37 -42.64 21.23
CA GLU A 297 37.73 -42.01 22.37
C GLU A 297 38.81 -41.51 23.31
N ILE A 298 38.49 -40.47 24.06
CA ILE A 298 39.43 -39.88 25.02
C ILE A 298 38.82 -39.88 26.41
N TYR A 299 39.67 -39.83 27.44
CA TYR A 299 39.19 -39.90 28.82
C TYR A 299 39.56 -38.72 29.72
N CYS A 300 38.62 -37.82 29.95
CA CYS A 300 38.88 -36.64 30.81
C CYS A 300 38.88 -37.08 32.27
N HIS A 301 39.50 -36.26 33.12
CA HIS A 301 39.57 -36.52 34.56
C HIS A 301 40.06 -35.29 35.30
N MET A 302 39.20 -34.67 36.10
CA MET A 302 39.58 -33.49 36.87
C MET A 302 40.52 -33.93 38.00
N THR A 303 41.78 -34.21 37.70
CA THR A 303 42.68 -34.66 38.75
C THR A 303 43.27 -33.54 39.60
N CYS A 304 44.19 -33.93 40.48
CA CYS A 304 44.89 -33.03 41.38
C CYS A 304 46.12 -33.75 41.93
N ALA A 305 47.15 -33.83 41.10
CA ALA A 305 48.40 -34.52 41.42
C ALA A 305 48.87 -34.47 42.87
N THR A 306 48.51 -33.43 43.62
CA THR A 306 48.98 -33.33 45.00
C THR A 306 48.03 -33.85 46.08
N ASP A 307 47.14 -34.77 45.70
CA ASP A 307 46.12 -35.39 46.57
C ASP A 307 46.10 -36.89 46.20
N THR A 308 46.82 -37.69 46.98
CA THR A 308 46.95 -39.11 46.72
C THR A 308 45.67 -39.91 46.42
N ASN A 309 44.59 -39.67 47.15
CA ASN A 309 43.37 -40.40 46.89
C ASN A 309 43.02 -40.19 45.45
N ASN A 310 42.68 -38.94 45.14
CA ASN A 310 42.28 -38.51 43.80
C ASN A 310 43.14 -39.15 42.71
N ILE A 311 44.46 -39.15 42.91
CA ILE A 311 45.34 -39.75 41.92
C ILE A 311 45.11 -41.25 41.97
N GLN A 312 45.08 -41.77 43.19
CA GLN A 312 44.86 -43.20 43.44
C GLN A 312 43.58 -43.71 42.76
N VAL A 313 42.48 -43.04 43.05
CA VAL A 313 41.15 -43.36 42.50
C VAL A 313 41.18 -43.32 40.98
N VAL A 314 41.64 -42.19 40.46
CA VAL A 314 41.72 -41.98 39.03
C VAL A 314 42.66 -42.96 38.35
N PHE A 315 43.87 -43.14 38.89
CA PHE A 315 44.81 -44.06 38.25
C PHE A 315 44.17 -45.43 38.15
N ASP A 316 43.42 -45.79 39.17
CA ASP A 316 42.75 -47.08 39.19
C ASP A 316 41.94 -47.12 37.91
N ALA A 317 40.91 -46.26 37.85
CA ALA A 317 40.04 -46.15 36.69
C ALA A 317 40.82 -46.29 35.38
N VAL A 318 41.96 -45.60 35.31
CA VAL A 318 42.80 -45.66 34.12
C VAL A 318 43.28 -47.07 33.84
N THR A 319 43.84 -47.72 34.86
CA THR A 319 44.35 -49.08 34.72
C THR A 319 43.30 -49.92 34.02
N ASP A 320 42.03 -49.61 34.28
CA ASP A 320 40.90 -50.31 33.68
C ASP A 320 40.88 -50.10 32.16
N ILE A 321 40.69 -48.84 31.76
CA ILE A 321 40.65 -48.47 30.34
C ILE A 321 41.75 -49.19 29.57
N ILE A 322 42.90 -49.30 30.22
CA ILE A 322 44.07 -49.94 29.62
C ILE A 322 43.87 -51.45 29.64
N ILE A 323 43.53 -52.00 30.80
CA ILE A 323 43.33 -53.44 30.93
C ILE A 323 42.08 -53.83 30.17
N ALA A 324 41.18 -52.87 29.99
CA ALA A 324 39.96 -53.09 29.24
C ALA A 324 40.39 -53.14 27.77
N ASN A 325 41.60 -53.66 27.55
CA ASN A 325 42.19 -53.80 26.23
C ASN A 325 43.41 -54.74 26.25
N VAL B 7 87.96 -38.61 42.99
CA VAL B 7 87.68 -40.06 42.83
C VAL B 7 86.27 -40.40 43.31
N LEU B 8 85.99 -40.11 44.57
CA LEU B 8 84.68 -40.40 45.16
C LEU B 8 83.94 -39.15 45.63
N GLY B 9 84.70 -38.11 45.98
CA GLY B 9 84.10 -36.86 46.44
C GLY B 9 82.91 -36.41 45.63
N TRP B 10 82.86 -36.85 44.37
CA TRP B 10 81.77 -36.52 43.47
C TRP B 10 80.49 -36.48 44.28
N ARG B 11 80.06 -37.66 44.74
CA ARG B 11 78.86 -37.75 45.56
C ARG B 11 78.99 -36.79 46.73
N SER B 13 80.76 -32.90 46.22
CA SER B 13 80.11 -31.80 45.52
C SER B 13 79.85 -32.15 44.08
N PHE B 14 78.88 -31.46 43.49
CA PHE B 14 78.51 -31.70 42.09
C PHE B 14 79.57 -31.20 41.12
N ASP B 15 80.16 -30.04 41.43
CA ASP B 15 81.17 -29.47 40.55
C ASP B 15 82.44 -30.29 40.54
N LEU B 16 82.57 -31.21 41.48
CA LEU B 16 83.73 -32.09 41.50
C LEU B 16 83.54 -33.02 40.32
N LEU B 17 82.31 -33.47 40.13
CA LEU B 17 81.98 -34.35 39.03
C LEU B 17 82.39 -33.64 37.75
N LEU B 18 82.10 -32.34 37.71
CA LEU B 18 82.38 -31.50 36.55
C LEU B 18 83.86 -31.22 36.29
N ASN B 19 84.66 -31.09 37.34
CA ASN B 19 86.07 -30.83 37.14
C ASN B 19 86.89 -32.11 37.08
N SER B 20 86.22 -33.23 36.80
CA SER B 20 86.87 -34.53 36.69
C SER B 20 86.82 -35.01 35.25
N LYS B 21 87.95 -34.94 34.56
CA LYS B 21 88.01 -35.37 33.17
C LYS B 21 87.39 -36.76 33.08
N ASN B 22 87.36 -37.46 34.21
CA ASN B 22 86.79 -38.81 34.29
C ASN B 22 85.34 -38.70 34.70
N GLY B 23 85.09 -37.81 35.66
CA GLY B 23 83.74 -37.59 36.13
C GLY B 23 82.82 -37.20 35.02
N VAL B 24 83.12 -36.08 34.37
CA VAL B 24 82.31 -35.57 33.28
C VAL B 24 82.00 -36.68 32.27
N ALA B 25 83.04 -37.26 31.67
CA ALA B 25 82.84 -38.34 30.70
C ALA B 25 81.89 -39.41 31.20
N ALA B 26 81.91 -39.62 32.51
CA ALA B 26 81.05 -40.61 33.13
C ALA B 26 79.60 -40.10 33.11
N PHE B 27 79.36 -39.02 33.86
CA PHE B 27 78.05 -38.38 33.96
C PHE B 27 77.39 -38.38 32.58
N HIS B 28 78.14 -37.90 31.58
CA HIS B 28 77.67 -37.81 30.20
C HIS B 28 76.99 -39.10 29.72
N ALA B 29 77.64 -40.24 29.96
CA ALA B 29 77.08 -41.53 29.54
C ALA B 29 75.70 -41.74 30.17
N PHE B 30 75.55 -41.29 31.41
CA PHE B 30 74.28 -41.40 32.11
C PHE B 30 73.27 -40.60 31.31
N LEU B 31 73.46 -39.29 31.29
CA LEU B 31 72.59 -38.36 30.59
C LEU B 31 72.21 -38.82 29.19
N LYS B 32 73.19 -39.35 28.45
CA LYS B 32 72.99 -39.81 27.08
C LYS B 32 71.83 -40.80 26.97
N THR B 33 71.63 -41.59 28.02
CA THR B 33 70.55 -42.56 28.05
C THR B 33 69.32 -41.80 28.49
N GLU B 34 69.46 -41.02 29.56
CA GLU B 34 68.37 -40.23 30.13
C GLU B 34 67.89 -39.13 29.16
N PHE B 35 68.63 -38.92 28.09
CA PHE B 35 68.30 -37.96 27.05
C PHE B 35 68.39 -36.50 27.39
N SER B 36 69.54 -36.07 27.91
CA SER B 36 69.70 -34.67 28.23
C SER B 36 71.18 -34.34 28.33
N GLU B 37 71.98 -35.01 27.50
CA GLU B 37 73.42 -34.78 27.51
C GLU B 37 73.79 -33.44 26.89
N GLU B 38 72.82 -32.79 26.23
CA GLU B 38 73.09 -31.51 25.61
C GLU B 38 73.40 -30.48 26.68
N ASN B 39 72.79 -30.63 27.85
CA ASN B 39 73.00 -29.70 28.93
C ASN B 39 74.48 -29.63 29.28
N LEU B 40 75.13 -30.78 29.29
CA LEU B 40 76.55 -30.87 29.63
C LEU B 40 77.43 -30.45 28.46
N GLU B 41 76.99 -30.78 27.26
CA GLU B 41 77.72 -30.41 26.07
C GLU B 41 77.73 -28.88 25.95
N PHE B 42 76.58 -28.28 26.10
CA PHE B 42 76.49 -26.83 26.07
C PHE B 42 77.37 -26.23 27.17
N TRP B 43 77.43 -26.90 28.33
CA TRP B 43 78.20 -26.43 29.48
C TRP B 43 79.71 -26.53 29.28
N LEU B 44 80.14 -27.62 28.66
CA LEU B 44 81.55 -27.83 28.40
C LEU B 44 81.95 -26.88 27.27
N ALA B 45 80.97 -26.57 26.43
CA ALA B 45 81.13 -25.68 25.30
C ALA B 45 81.43 -24.30 25.80
N CYS B 46 80.53 -23.75 26.60
CA CYS B 46 80.73 -22.41 27.16
C CYS B 46 82.03 -22.34 27.89
N GLU B 47 82.49 -23.50 28.34
CA GLU B 47 83.74 -23.59 29.08
C GLU B 47 84.93 -23.32 28.17
N GLU B 48 84.90 -23.91 26.97
CA GLU B 48 85.97 -23.72 26.00
C GLU B 48 85.85 -22.28 25.50
N PHE B 49 84.63 -21.92 25.10
CA PHE B 49 84.35 -20.59 24.60
C PHE B 49 85.10 -19.57 25.43
N LYS B 50 85.04 -19.72 26.73
CA LYS B 50 85.68 -18.77 27.62
C LYS B 50 87.17 -18.57 27.35
N LYS B 51 87.84 -19.61 26.86
CA LYS B 51 89.28 -19.53 26.59
C LYS B 51 89.73 -18.78 25.33
N ILE B 52 88.78 -18.29 24.53
CA ILE B 52 89.12 -17.59 23.30
C ILE B 52 89.41 -16.12 23.52
N ARG B 53 90.49 -15.62 22.94
CA ARG B 53 90.85 -14.23 23.11
C ARG B 53 90.50 -13.42 21.88
N SER B 54 90.65 -14.03 20.71
CA SER B 54 90.37 -13.35 19.44
C SER B 54 88.92 -12.89 19.27
N ALA B 55 88.74 -11.58 19.14
CA ALA B 55 87.40 -11.03 18.98
C ALA B 55 86.57 -11.74 17.92
N THR B 56 87.15 -11.97 16.74
CA THR B 56 86.41 -12.61 15.65
C THR B 56 86.14 -14.07 15.90
N LYS B 57 87.15 -14.78 16.39
CA LYS B 57 86.96 -16.21 16.65
C LYS B 57 85.85 -16.42 17.69
N LEU B 58 85.68 -15.41 18.54
CA LEU B 58 84.69 -15.40 19.61
C LEU B 58 83.31 -15.21 19.02
N ALA B 59 83.16 -14.20 18.17
CA ALA B 59 81.91 -13.95 17.49
C ALA B 59 81.51 -15.20 16.73
N SER B 60 82.49 -15.83 16.09
CA SER B 60 82.26 -17.04 15.32
C SER B 60 81.67 -18.12 16.18
N ARG B 61 82.37 -18.48 17.26
CA ARG B 61 81.87 -19.54 18.10
C ARG B 61 80.61 -19.12 18.85
N ALA B 62 80.55 -17.87 19.30
CA ALA B 62 79.37 -17.40 19.99
C ALA B 62 78.17 -17.76 19.14
N HIS B 63 78.28 -17.51 17.84
CA HIS B 63 77.20 -17.80 16.90
C HIS B 63 76.96 -19.26 16.70
N HIS B 64 78.03 -20.03 16.69
CA HIS B 64 77.88 -21.47 16.55
C HIS B 64 77.21 -22.12 17.77
N ILE B 65 77.62 -21.72 18.97
CA ILE B 65 77.04 -22.24 20.20
C ILE B 65 75.56 -21.90 20.16
N PHE B 66 75.28 -20.65 19.85
CA PHE B 66 73.89 -20.23 19.77
C PHE B 66 73.05 -21.15 18.90
N ASP B 67 73.53 -21.40 17.68
CA ASP B 67 72.84 -22.25 16.72
C ASP B 67 72.76 -23.71 17.10
N GLU B 68 73.63 -24.13 17.99
CA GLU B 68 73.64 -25.53 18.40
C GLU B 68 72.77 -25.76 19.64
N TYR B 69 72.93 -24.89 20.64
CA TYR B 69 72.23 -25.01 21.91
C TYR B 69 71.08 -24.05 22.23
N ILE B 70 71.26 -22.74 22.02
CA ILE B 70 70.22 -21.76 22.31
C ILE B 70 69.14 -21.62 21.24
N ARG B 71 69.56 -21.44 19.99
CA ARG B 71 68.63 -21.27 18.85
C ARG B 71 67.32 -22.04 19.00
N SER B 72 66.20 -21.39 18.69
CA SER B 72 64.94 -22.07 18.79
C SER B 72 64.99 -23.31 17.91
N GLU B 73 64.51 -24.43 18.45
CA GLU B 73 64.51 -25.70 17.75
C GLU B 73 65.89 -26.13 17.31
N ALA B 74 66.90 -25.54 17.94
CA ALA B 74 68.28 -25.90 17.63
C ALA B 74 68.43 -27.38 17.87
N PRO B 75 69.51 -27.98 17.37
CA PRO B 75 69.74 -29.41 17.54
C PRO B 75 69.84 -29.82 19.01
N LYS B 76 70.84 -29.28 19.70
CA LYS B 76 71.03 -29.61 21.10
C LYS B 76 70.49 -28.50 21.98
N GLU B 77 69.34 -27.96 21.57
CA GLU B 77 68.66 -26.88 22.28
C GLU B 77 68.44 -27.16 23.78
N VAL B 78 69.00 -26.28 24.61
CA VAL B 78 68.89 -26.43 26.04
C VAL B 78 67.60 -25.79 26.56
N ASN B 79 67.27 -26.11 27.81
CA ASN B 79 66.05 -25.63 28.42
C ASN B 79 66.20 -24.41 29.32
N ILE B 80 66.22 -23.22 28.72
CA ILE B 80 66.32 -21.98 29.47
C ILE B 80 64.97 -21.28 29.38
N ASP B 81 64.78 -20.20 30.13
CA ASP B 81 63.52 -19.46 30.08
C ASP B 81 63.60 -18.27 29.14
N HIS B 82 62.47 -17.60 28.97
CA HIS B 82 62.40 -16.46 28.07
C HIS B 82 63.41 -15.38 28.36
N GLU B 83 63.49 -14.96 29.61
CA GLU B 83 64.42 -13.91 29.98
C GLU B 83 65.88 -14.30 29.75
N THR B 84 66.21 -15.56 29.97
CA THR B 84 67.58 -16.05 29.79
C THR B 84 67.98 -16.01 28.33
N ARG B 85 67.09 -16.53 27.50
CA ARG B 85 67.31 -16.59 26.07
C ARG B 85 67.49 -15.24 25.38
N GLU B 86 66.57 -14.30 25.62
CA GLU B 86 66.68 -12.97 25.01
C GLU B 86 67.97 -12.33 25.41
N LEU B 87 68.29 -12.47 26.68
CA LEU B 87 69.52 -11.91 27.20
C LEU B 87 70.70 -12.49 26.42
N THR B 88 70.75 -13.80 26.25
CA THR B 88 71.87 -14.41 25.52
C THR B 88 71.82 -13.84 24.12
N LYS B 89 70.62 -13.80 23.55
CA LYS B 89 70.44 -13.30 22.21
C LYS B 89 71.03 -11.92 22.11
N THR B 90 70.75 -11.06 23.09
CA THR B 90 71.33 -9.73 23.02
C THR B 90 72.84 -9.77 23.12
N ASN B 91 73.38 -10.60 24.02
CA ASN B 91 74.84 -10.70 24.19
C ASN B 91 75.52 -11.14 22.92
N LEU B 92 74.83 -11.98 22.16
CA LEU B 92 75.38 -12.48 20.92
C LEU B 92 75.71 -11.33 20.00
N GLN B 93 75.07 -10.18 20.23
CA GLN B 93 75.26 -8.97 19.43
C GLN B 93 76.66 -8.38 19.55
N ALA B 94 77.49 -8.95 20.41
CA ALA B 94 78.86 -8.48 20.60
C ALA B 94 79.69 -9.50 21.38
N ALA B 95 79.89 -10.66 20.78
CA ALA B 95 80.64 -11.76 21.38
C ALA B 95 81.72 -11.35 22.37
N THR B 96 81.40 -11.55 23.64
CA THR B 96 82.30 -11.27 24.75
C THR B 96 82.35 -12.63 25.45
N THR B 97 83.39 -12.89 26.24
CA THR B 97 83.49 -14.18 26.92
C THR B 97 82.39 -14.46 27.94
N SER B 98 81.78 -13.38 28.44
CA SER B 98 80.70 -13.46 29.42
C SER B 98 79.35 -13.74 28.75
N CYS B 99 79.37 -13.82 27.44
CA CYS B 99 78.15 -14.04 26.64
C CYS B 99 77.19 -15.06 27.22
N PHE B 100 77.55 -16.33 27.10
CA PHE B 100 76.71 -17.44 27.57
C PHE B 100 76.72 -17.74 29.06
N ASP B 101 77.30 -16.85 29.87
CA ASP B 101 77.36 -17.06 31.31
C ASP B 101 76.03 -17.41 31.97
N VAL B 102 75.05 -16.55 31.82
CA VAL B 102 73.79 -16.83 32.45
C VAL B 102 73.21 -18.14 31.94
N ALA B 103 73.19 -18.31 30.62
CA ALA B 103 72.64 -19.54 30.07
C ALA B 103 73.34 -20.74 30.69
N GLN B 104 74.66 -20.71 30.70
CA GLN B 104 75.45 -21.78 31.29
C GLN B 104 75.02 -21.90 32.74
N GLY B 105 74.89 -20.74 33.41
CA GLY B 105 74.47 -20.73 34.80
C GLY B 105 73.24 -21.60 34.99
N LYS B 106 72.10 -21.13 34.48
CA LYS B 106 70.84 -21.85 34.60
C LYS B 106 70.96 -23.31 34.23
N THR B 107 71.77 -23.60 33.21
CA THR B 107 71.94 -24.97 32.77
C THR B 107 72.56 -25.80 33.89
N ARG B 108 73.62 -25.27 34.51
CA ARG B 108 74.30 -25.98 35.59
C ARG B 108 73.24 -26.47 36.57
N THR B 109 72.48 -25.53 37.10
CA THR B 109 71.43 -25.85 38.03
C THR B 109 70.56 -27.00 37.52
N LEU B 110 69.95 -26.84 36.35
CA LEU B 110 69.10 -27.89 35.79
C LEU B 110 69.72 -29.28 35.95
N MET B 111 71.01 -29.41 35.61
CA MET B 111 71.68 -30.68 35.74
C MET B 111 71.80 -31.01 37.21
N GLU B 112 72.42 -30.10 37.95
CA GLU B 112 72.64 -30.27 39.38
C GLU B 112 71.43 -30.77 40.14
N LYS B 113 70.40 -29.93 40.20
CA LYS B 113 69.21 -30.25 40.95
C LYS B 113 68.27 -31.26 40.35
N ASP B 114 68.55 -31.77 39.16
CA ASP B 114 67.60 -32.70 38.60
C ASP B 114 68.15 -34.05 38.19
N SER B 115 68.91 -34.04 37.11
CA SER B 115 69.53 -35.23 36.52
C SER B 115 70.72 -35.76 37.31
N TYR B 116 71.34 -34.89 38.11
CA TYR B 116 72.49 -35.29 38.91
C TYR B 116 72.12 -36.33 39.94
N PRO B 117 71.19 -36.01 40.87
CA PRO B 117 70.80 -36.99 41.88
C PRO B 117 70.39 -38.32 41.26
N ARG B 118 69.37 -38.27 40.42
CA ARG B 118 68.88 -39.45 39.74
C ARG B 118 70.07 -40.15 39.07
N PHE B 119 71.19 -39.45 38.96
CA PHE B 119 72.40 -40.01 38.37
C PHE B 119 73.18 -40.80 39.39
N LEU B 120 73.41 -40.18 40.55
CA LEU B 120 74.14 -40.84 41.61
C LEU B 120 73.45 -42.18 41.84
N LYS B 121 72.34 -42.13 42.56
CA LYS B 121 71.57 -43.34 42.84
C LYS B 121 71.25 -44.07 41.54
N SER B 122 72.23 -44.80 41.01
CA SER B 122 72.03 -45.55 39.77
C SER B 122 73.26 -46.39 39.42
N PRO B 123 73.11 -47.36 38.49
CA PRO B 123 74.22 -48.22 38.07
C PRO B 123 75.46 -47.43 37.72
N ALA B 124 75.31 -46.49 36.80
CA ALA B 124 76.41 -45.65 36.34
C ALA B 124 77.39 -45.19 37.42
N TYR B 125 76.89 -44.89 38.62
CA TYR B 125 77.77 -44.41 39.69
C TYR B 125 78.20 -45.46 40.70
N ARG B 126 77.83 -46.72 40.46
CA ARG B 126 78.19 -47.81 41.36
C ARG B 126 79.39 -48.61 40.87
N LYS C 14 -62.14 4.97 -43.77
CA LYS C 14 -61.45 6.28 -43.98
C LYS C 14 -62.40 7.40 -43.61
N LEU C 15 -62.14 8.01 -42.45
CA LEU C 15 -63.00 9.09 -41.96
C LEU C 15 -62.46 10.48 -42.27
N LEU C 16 -63.20 11.23 -43.10
CA LEU C 16 -62.80 12.58 -43.44
C LEU C 16 -63.57 13.57 -42.59
N LEU C 17 -62.86 14.19 -41.68
CA LEU C 17 -63.44 15.20 -40.82
C LEU C 17 -63.21 16.52 -41.58
N LEU C 18 -64.22 16.96 -42.35
CA LEU C 18 -64.10 18.18 -43.14
C LEU C 18 -64.75 19.43 -42.53
N GLY C 19 -65.00 20.45 -43.37
CA GLY C 19 -65.64 21.69 -42.91
C GLY C 19 -64.87 22.99 -43.16
N ALA C 20 -65.52 24.13 -42.89
CA ALA C 20 -64.88 25.41 -43.07
C ALA C 20 -63.98 25.68 -41.87
N GLY C 21 -63.39 26.87 -41.80
CA GLY C 21 -62.50 27.18 -40.69
C GLY C 21 -63.20 27.17 -39.35
N GLU C 22 -62.44 27.24 -38.26
CA GLU C 22 -62.97 27.23 -36.89
C GLU C 22 -64.31 26.55 -36.64
N SER C 23 -64.59 25.43 -37.30
CA SER C 23 -65.88 24.76 -37.10
C SER C 23 -65.81 23.65 -36.06
N GLY C 24 -64.67 23.55 -35.37
CA GLY C 24 -64.52 22.55 -34.32
C GLY C 24 -63.97 21.21 -34.75
N LYS C 25 -63.80 21.00 -36.05
CA LYS C 25 -63.29 19.75 -36.59
C LYS C 25 -62.29 19.09 -35.66
N SER C 26 -61.37 19.89 -35.14
CA SER C 26 -60.36 19.36 -34.25
C SER C 26 -60.88 18.93 -32.90
N THR C 27 -61.77 19.71 -32.31
CA THR C 27 -62.31 19.35 -31.01
C THR C 27 -63.08 18.04 -31.12
N ILE C 28 -63.57 17.74 -32.31
CA ILE C 28 -64.29 16.49 -32.57
C ILE C 28 -63.31 15.33 -32.46
N VAL C 29 -62.07 15.59 -32.87
CA VAL C 29 -61.00 14.61 -32.81
C VAL C 29 -60.56 14.47 -31.36
N LYS C 30 -60.36 15.58 -30.66
CA LYS C 30 -59.96 15.49 -29.25
C LYS C 30 -60.90 14.54 -28.51
N GLN C 31 -62.11 14.36 -29.03
CA GLN C 31 -63.08 13.47 -28.40
C GLN C 31 -62.77 12.02 -28.68
N MET C 32 -62.59 11.65 -29.94
CA MET C 32 -62.27 10.27 -30.24
C MET C 32 -61.18 9.84 -29.24
N LYS C 33 -60.14 10.65 -29.11
CA LYS C 33 -59.04 10.36 -28.19
C LYS C 33 -59.59 10.18 -26.77
N ILE C 34 -60.44 11.10 -26.32
CA ILE C 34 -61.03 11.05 -24.99
C ILE C 34 -62.09 9.97 -24.86
N ILE C 35 -62.94 9.89 -25.88
CA ILE C 35 -64.04 8.94 -25.92
C ILE C 35 -63.62 7.49 -25.97
N HIS C 36 -62.71 7.12 -26.88
CA HIS C 36 -62.31 5.73 -26.95
C HIS C 36 -60.98 5.43 -27.64
N GLU C 37 -59.93 6.04 -27.13
CA GLU C 37 -58.59 5.84 -27.64
C GLU C 37 -57.75 5.81 -26.39
N ASP C 38 -58.28 6.43 -25.35
CA ASP C 38 -57.61 6.51 -24.05
C ASP C 38 -58.13 7.68 -23.23
N GLY C 39 -57.71 8.87 -23.65
CA GLY C 39 -58.06 10.10 -22.99
C GLY C 39 -56.88 11.04 -23.17
N PHE C 40 -56.61 11.86 -22.16
CA PHE C 40 -55.50 12.80 -22.24
C PHE C 40 -54.52 12.66 -21.09
N SER C 41 -53.35 12.08 -21.38
CA SER C 41 -52.32 11.85 -20.40
C SER C 41 -51.94 13.10 -19.61
N GLY C 42 -51.52 12.91 -18.36
CA GLY C 42 -51.11 14.02 -17.52
C GLY C 42 -49.80 14.57 -18.07
N GLU C 43 -49.36 13.96 -19.17
CA GLU C 43 -48.14 14.33 -19.87
C GLU C 43 -48.58 15.38 -20.88
N ASP C 44 -49.75 15.14 -21.46
CA ASP C 44 -50.34 16.05 -22.43
C ASP C 44 -50.93 17.23 -21.67
N VAL C 45 -51.60 16.94 -20.55
CA VAL C 45 -52.23 17.96 -19.75
C VAL C 45 -51.33 19.16 -19.42
N LYS C 46 -50.02 18.94 -19.36
CA LYS C 46 -49.10 20.03 -19.05
C LYS C 46 -48.64 20.69 -20.34
N GLN C 47 -48.98 20.06 -21.46
CA GLN C 47 -48.65 20.54 -22.79
C GLN C 47 -49.69 21.59 -23.16
N TYR C 48 -50.88 21.40 -22.63
CA TYR C 48 -51.97 22.32 -22.88
C TYR C 48 -51.97 23.48 -21.91
N LYS C 49 -51.34 23.28 -20.75
CA LYS C 49 -51.28 24.32 -19.74
C LYS C 49 -50.93 25.67 -20.42
N PRO C 50 -49.94 25.68 -21.35
CA PRO C 50 -49.53 26.89 -22.06
C PRO C 50 -50.64 27.38 -22.99
N VAL C 51 -51.27 26.46 -23.72
CA VAL C 51 -52.36 26.78 -24.61
C VAL C 51 -53.44 27.51 -23.84
N VAL C 52 -53.99 26.84 -22.84
CA VAL C 52 -55.03 27.41 -22.00
C VAL C 52 -54.61 28.78 -21.39
N TYR C 53 -53.31 29.02 -21.31
CA TYR C 53 -52.82 30.29 -20.79
C TYR C 53 -52.98 31.29 -21.94
N SER C 54 -52.46 30.90 -23.10
CA SER C 54 -52.53 31.72 -24.29
C SER C 54 -53.99 32.09 -24.53
N ASN C 55 -54.78 31.11 -24.94
CA ASN C 55 -56.19 31.37 -25.21
C ASN C 55 -56.75 32.43 -24.26
N THR C 56 -56.55 32.23 -22.96
CA THR C 56 -57.07 33.13 -21.93
C THR C 56 -56.59 34.57 -22.01
N ILE C 57 -55.29 34.79 -22.08
CA ILE C 57 -54.80 36.17 -22.15
C ILE C 57 -55.11 36.75 -23.52
N GLN C 58 -55.13 35.90 -24.55
CA GLN C 58 -55.43 36.34 -25.91
C GLN C 58 -56.84 36.92 -26.02
N SER C 59 -57.81 36.17 -25.51
CA SER C 59 -59.19 36.58 -25.54
C SER C 59 -59.44 37.87 -24.76
N LEU C 60 -58.69 38.07 -23.70
CA LEU C 60 -58.87 39.28 -22.90
C LEU C 60 -58.38 40.46 -23.72
N ALA C 61 -57.30 40.26 -24.48
CA ALA C 61 -56.71 41.30 -25.32
C ALA C 61 -57.58 41.66 -26.52
N ALA C 62 -58.20 40.64 -27.11
CA ALA C 62 -59.07 40.83 -28.26
C ALA C 62 -60.12 41.88 -27.87
N ILE C 63 -60.69 41.69 -26.69
CA ILE C 63 -61.71 42.58 -26.15
C ILE C 63 -61.11 43.90 -25.71
N VAL C 64 -59.85 43.89 -25.32
CA VAL C 64 -59.19 45.14 -24.91
C VAL C 64 -58.94 45.92 -26.18
N ARG C 65 -58.65 45.20 -27.25
CA ARG C 65 -58.39 45.80 -28.55
C ARG C 65 -59.68 46.41 -29.07
N ALA C 66 -60.75 45.61 -29.00
CA ALA C 66 -62.09 46.01 -29.43
C ALA C 66 -62.51 47.29 -28.75
N MET C 67 -62.36 47.31 -27.43
CA MET C 67 -62.70 48.45 -26.62
C MET C 67 -62.46 49.74 -27.40
N ASP C 68 -61.33 49.80 -28.12
CA ASP C 68 -60.96 50.97 -28.91
C ASP C 68 -61.70 51.05 -30.25
N THR C 69 -61.42 50.09 -31.11
CA THR C 69 -62.05 50.07 -32.42
C THR C 69 -63.58 50.06 -32.43
N LEU C 70 -64.19 49.86 -31.26
CA LEU C 70 -65.65 49.84 -31.18
C LEU C 70 -66.19 51.12 -30.55
N GLY C 71 -65.33 51.79 -29.80
CA GLY C 71 -65.76 53.03 -29.15
C GLY C 71 -66.32 52.83 -27.76
N VAL C 72 -65.97 51.71 -27.12
CA VAL C 72 -66.43 51.42 -25.78
C VAL C 72 -65.49 52.08 -24.78
N GLU C 73 -66.06 52.58 -23.69
CA GLU C 73 -65.24 53.25 -22.69
C GLU C 73 -65.18 52.44 -21.40
N TYR C 74 -63.99 52.32 -20.81
CA TYR C 74 -63.83 51.59 -19.56
C TYR C 74 -64.62 52.33 -18.49
N GLY C 75 -65.52 51.64 -17.81
CA GLY C 75 -66.29 52.30 -16.78
C GLY C 75 -65.42 52.59 -15.58
N ASP C 76 -64.11 52.70 -15.79
CA ASP C 76 -63.14 52.95 -14.73
C ASP C 76 -61.76 53.20 -15.35
N LYS C 77 -61.52 54.45 -15.75
CA LYS C 77 -60.26 54.87 -16.40
C LYS C 77 -58.95 54.26 -15.89
N GLU C 78 -58.92 53.80 -14.65
CA GLU C 78 -57.71 53.23 -14.08
C GLU C 78 -57.39 51.85 -14.66
N ARG C 79 -58.35 51.28 -15.38
CA ARG C 79 -58.19 49.98 -16.00
C ARG C 79 -57.30 50.00 -17.23
N LYS C 80 -56.91 51.18 -17.68
CA LYS C 80 -56.05 51.30 -18.84
C LYS C 80 -54.63 50.95 -18.46
N THR C 81 -54.30 51.12 -17.18
CA THR C 81 -52.96 50.80 -16.73
C THR C 81 -52.78 49.29 -16.80
N ASP C 82 -53.70 48.56 -16.19
CA ASP C 82 -53.63 47.11 -16.22
C ASP C 82 -54.04 46.59 -17.59
N SER C 83 -54.62 47.47 -18.41
CA SER C 83 -55.03 47.07 -19.76
C SER C 83 -53.77 46.94 -20.61
N LYS C 84 -53.01 48.04 -20.68
CA LYS C 84 -51.78 48.07 -21.45
C LYS C 84 -50.72 47.12 -20.91
N MET C 85 -51.07 46.39 -19.85
CA MET C 85 -50.15 45.43 -19.27
C MET C 85 -50.43 44.09 -19.90
N VAL C 86 -51.67 43.90 -20.35
CA VAL C 86 -52.08 42.67 -20.99
C VAL C 86 -51.60 42.68 -22.45
N CYS C 87 -51.78 43.82 -23.11
CA CYS C 87 -51.34 43.97 -24.49
C CYS C 87 -49.82 44.00 -24.55
N ASP C 88 -49.18 44.01 -23.38
CA ASP C 88 -47.73 44.01 -23.28
C ASP C 88 -47.27 42.57 -23.27
N VAL C 89 -47.91 41.78 -22.43
CA VAL C 89 -47.59 40.37 -22.32
C VAL C 89 -47.76 39.70 -23.65
N VAL C 90 -48.67 40.22 -24.47
CA VAL C 90 -48.94 39.62 -25.77
C VAL C 90 -47.85 39.86 -26.80
N SER C 91 -47.35 41.10 -26.84
CA SER C 91 -46.32 41.47 -27.80
C SER C 91 -44.96 40.86 -27.44
N ARG C 92 -44.72 40.73 -26.15
CA ARG C 92 -43.47 40.17 -25.66
C ARG C 92 -43.44 38.66 -25.84
N MET C 93 -44.51 38.10 -26.40
CA MET C 93 -44.58 36.66 -26.63
C MET C 93 -44.70 35.83 -25.35
N GLU C 94 -44.74 36.49 -24.20
CA GLU C 94 -44.83 35.79 -22.93
C GLU C 94 -46.27 35.52 -22.47
N ASP C 95 -47.13 35.26 -23.45
CA ASP C 95 -48.53 34.97 -23.17
C ASP C 95 -48.76 33.47 -23.05
N THR C 96 -47.68 32.70 -23.06
CA THR C 96 -47.80 31.25 -22.96
C THR C 96 -47.35 30.74 -21.60
N GLU C 97 -46.91 31.64 -20.73
CA GLU C 97 -46.46 31.24 -19.41
C GLU C 97 -47.45 31.71 -18.32
N PRO C 98 -47.52 30.98 -17.20
CA PRO C 98 -48.38 31.21 -16.03
C PRO C 98 -48.59 32.67 -15.62
N PHE C 99 -49.85 33.05 -15.46
CA PHE C 99 -50.20 34.41 -15.09
C PHE C 99 -49.48 34.87 -13.84
N SER C 100 -48.63 35.88 -13.98
CA SER C 100 -47.91 36.40 -12.83
C SER C 100 -48.93 36.85 -11.80
N ALA C 101 -48.44 37.42 -10.69
CA ALA C 101 -49.33 37.90 -9.64
C ALA C 101 -50.15 39.08 -10.12
N GLU C 102 -49.46 40.13 -10.57
CA GLU C 102 -50.12 41.33 -11.05
C GLU C 102 -51.07 41.01 -12.19
N LEU C 103 -50.53 40.41 -13.25
CA LEU C 103 -51.31 40.04 -14.43
C LEU C 103 -52.64 39.38 -14.06
N LEU C 104 -52.58 38.23 -13.39
CA LEU C 104 -53.78 37.48 -13.02
C LEU C 104 -54.81 38.43 -12.41
N SER C 105 -54.35 39.33 -11.54
CA SER C 105 -55.26 40.29 -10.91
C SER C 105 -55.65 41.44 -11.83
N ALA C 106 -54.74 41.80 -12.75
CA ALA C 106 -54.99 42.89 -13.69
C ALA C 106 -56.09 42.46 -14.64
N MET C 107 -55.99 41.22 -15.11
CA MET C 107 -56.96 40.65 -16.01
C MET C 107 -58.32 40.60 -15.35
N MET C 108 -58.32 40.21 -14.07
CA MET C 108 -59.55 40.14 -13.30
C MET C 108 -60.17 41.51 -13.04
N ARG C 109 -59.34 42.48 -12.67
CA ARG C 109 -59.86 43.82 -12.43
C ARG C 109 -60.37 44.42 -13.74
N LEU C 110 -60.01 43.78 -14.85
CA LEU C 110 -60.46 44.21 -16.17
C LEU C 110 -61.70 43.41 -16.54
N TRP C 111 -61.61 42.09 -16.41
CA TRP C 111 -62.71 41.21 -16.74
C TRP C 111 -63.93 41.59 -15.93
N GLY C 112 -63.73 42.37 -14.89
CA GLY C 112 -64.83 42.78 -14.05
C GLY C 112 -65.26 44.22 -14.29
N ASP C 113 -64.71 44.85 -15.32
CA ASP C 113 -65.06 46.23 -15.62
C ASP C 113 -66.31 46.26 -16.51
N SER C 114 -67.19 47.21 -16.24
CA SER C 114 -68.43 47.37 -16.99
C SER C 114 -68.15 47.60 -18.47
N GLY C 115 -67.11 48.39 -18.76
CA GLY C 115 -66.74 48.66 -20.13
C GLY C 115 -66.42 47.38 -20.88
N ILE C 116 -65.61 46.53 -20.26
CA ILE C 116 -65.23 45.26 -20.86
C ILE C 116 -66.47 44.43 -21.16
N GLN C 117 -67.36 44.30 -20.19
CA GLN C 117 -68.58 43.51 -20.38
C GLN C 117 -69.39 44.02 -21.56
N GLU C 118 -69.66 45.32 -21.58
CA GLU C 118 -70.41 45.92 -22.67
C GLU C 118 -69.73 45.51 -23.96
N CYS C 119 -68.46 45.86 -24.09
CA CYS C 119 -67.70 45.52 -25.28
C CYS C 119 -67.72 44.02 -25.54
N PHE C 120 -67.63 43.22 -24.48
CA PHE C 120 -67.66 41.78 -24.62
C PHE C 120 -68.94 41.38 -25.34
N ASN C 121 -70.06 41.87 -24.82
CA ASN C 121 -71.37 41.59 -25.38
C ASN C 121 -71.55 42.06 -26.81
N ARG C 122 -70.54 42.71 -27.36
CA ARG C 122 -70.62 43.20 -28.73
C ARG C 122 -69.62 42.43 -29.56
N SER C 123 -69.27 41.25 -29.07
CA SER C 123 -68.29 40.39 -29.72
C SER C 123 -68.69 39.78 -31.06
N ARG C 124 -69.79 40.24 -31.65
CA ARG C 124 -70.17 39.69 -32.94
C ARG C 124 -69.67 40.66 -33.98
N GLU C 125 -69.17 41.79 -33.50
CA GLU C 125 -68.66 42.86 -34.32
C GLU C 125 -67.20 42.60 -34.69
N TYR C 126 -66.48 42.03 -33.73
CA TYR C 126 -65.09 41.70 -33.93
C TYR C 126 -64.91 40.20 -33.80
N GLN C 127 -63.67 39.73 -33.95
CA GLN C 127 -63.37 38.31 -33.83
C GLN C 127 -62.96 38.01 -32.39
N LEU C 128 -63.62 37.03 -31.78
CA LEU C 128 -63.35 36.65 -30.39
C LEU C 128 -63.46 35.14 -30.18
N ASN C 129 -62.46 34.54 -29.54
CA ASN C 129 -62.45 33.11 -29.28
C ASN C 129 -63.77 32.61 -28.76
N ASP C 130 -64.14 31.40 -29.18
CA ASP C 130 -65.39 30.85 -28.74
C ASP C 130 -65.33 30.61 -27.25
N SER C 131 -64.29 29.93 -26.83
CA SER C 131 -64.12 29.58 -25.44
C SER C 131 -63.68 30.73 -24.56
N ALA C 132 -63.85 31.95 -25.04
CA ALA C 132 -63.46 33.13 -24.29
C ALA C 132 -64.22 33.23 -22.97
N LYS C 133 -65.55 33.20 -23.04
CA LYS C 133 -66.39 33.30 -21.85
C LYS C 133 -65.89 32.30 -20.82
N TYR C 134 -65.77 31.05 -21.28
CA TYR C 134 -65.31 29.91 -20.48
C TYR C 134 -64.00 30.11 -19.69
N TYR C 135 -62.97 30.60 -20.38
CA TYR C 135 -61.68 30.80 -19.75
C TYR C 135 -61.54 32.05 -18.89
N LEU C 136 -62.14 33.16 -19.30
CA LEU C 136 -62.05 34.37 -18.49
C LEU C 136 -62.81 34.19 -17.17
N ASP C 137 -63.93 33.46 -17.25
CA ASP C 137 -64.77 33.18 -16.08
C ASP C 137 -64.08 32.11 -15.23
N SER C 138 -62.77 31.99 -15.39
CA SER C 138 -61.95 31.02 -14.65
C SER C 138 -60.53 31.56 -14.44
N LEU C 139 -60.39 32.88 -14.33
CA LEU C 139 -59.07 33.47 -14.14
C LEU C 139 -58.38 32.94 -12.89
N ASP C 140 -59.16 32.55 -11.90
CA ASP C 140 -58.60 32.01 -10.67
C ASP C 140 -58.24 30.56 -10.94
N ARG C 141 -59.25 29.78 -11.27
CA ARG C 141 -59.08 28.36 -11.54
C ARG C 141 -57.93 27.99 -12.49
N ILE C 142 -57.28 28.96 -13.12
CA ILE C 142 -56.17 28.67 -14.03
C ILE C 142 -54.98 29.59 -13.82
N GLY C 143 -55.14 30.57 -12.93
CA GLY C 143 -54.07 31.52 -12.67
C GLY C 143 -53.21 31.13 -11.48
N ALA C 144 -53.70 30.18 -10.69
CA ALA C 144 -53.00 29.68 -9.51
C ALA C 144 -51.86 28.74 -9.94
N GLY C 145 -50.69 28.91 -9.32
CA GLY C 145 -49.52 28.11 -9.64
C GLY C 145 -49.69 26.60 -9.78
N ASP C 146 -50.48 26.01 -8.91
CA ASP C 146 -50.73 24.57 -8.93
C ASP C 146 -51.75 24.18 -9.99
N TYR C 147 -52.15 25.15 -10.80
CA TYR C 147 -53.13 24.92 -11.85
C TYR C 147 -52.90 23.59 -12.59
N GLN C 148 -54.00 23.02 -13.08
CA GLN C 148 -53.98 21.78 -13.83
C GLN C 148 -55.14 21.83 -14.82
N PRO C 149 -54.85 21.77 -16.13
CA PRO C 149 -55.88 21.81 -17.18
C PRO C 149 -56.85 20.65 -17.09
N THR C 150 -58.14 20.96 -16.99
CA THR C 150 -59.15 19.92 -16.90
C THR C 150 -59.38 19.40 -18.32
N GLU C 151 -60.11 18.30 -18.43
CA GLU C 151 -60.38 17.72 -19.74
C GLU C 151 -61.17 18.67 -20.62
N GLN C 152 -62.23 19.27 -20.06
CA GLN C 152 -63.04 20.23 -20.81
C GLN C 152 -62.09 21.27 -21.38
N ASP C 153 -61.27 21.84 -20.50
CA ASP C 153 -60.28 22.84 -20.88
C ASP C 153 -59.49 22.41 -22.10
N ILE C 154 -59.02 21.17 -22.09
CA ILE C 154 -58.24 20.66 -23.20
C ILE C 154 -59.05 20.68 -24.49
N LEU C 155 -60.38 20.73 -24.34
CA LEU C 155 -61.28 20.77 -25.49
C LEU C 155 -61.53 22.22 -25.87
N ARG C 156 -61.60 23.08 -24.85
CA ARG C 156 -61.84 24.51 -25.02
C ARG C 156 -60.63 25.28 -25.51
N THR C 157 -59.56 24.58 -25.86
CA THR C 157 -58.35 25.25 -26.35
C THR C 157 -58.43 25.51 -27.84
N ARG C 158 -57.70 26.53 -28.28
CA ARG C 158 -57.70 26.89 -29.67
C ARG C 158 -56.31 26.94 -30.29
N VAL C 159 -56.19 26.32 -31.46
CA VAL C 159 -54.95 26.28 -32.24
C VAL C 159 -55.27 25.95 -33.71
N LYS C 160 -54.93 26.86 -34.61
CA LYS C 160 -55.21 26.65 -36.03
C LYS C 160 -54.45 25.47 -36.62
N THR C 161 -55.23 24.53 -37.14
CA THR C 161 -54.73 23.32 -37.73
C THR C 161 -54.43 23.47 -39.22
N THR C 162 -53.14 23.43 -39.56
CA THR C 162 -52.71 23.54 -40.95
C THR C 162 -52.36 22.14 -41.48
N GLY C 163 -52.61 21.90 -42.77
CA GLY C 163 -52.33 20.61 -43.40
C GLY C 163 -53.24 19.50 -42.92
N ILE C 164 -53.07 18.28 -43.46
CA ILE C 164 -53.89 17.12 -43.07
C ILE C 164 -53.20 16.36 -41.93
N VAL C 165 -53.97 15.88 -40.97
CA VAL C 165 -53.41 15.13 -39.84
C VAL C 165 -54.18 13.81 -39.59
N GLU C 166 -53.60 12.71 -40.04
CA GLU C 166 -54.16 11.35 -39.93
C GLU C 166 -53.96 10.61 -38.59
N THR C 167 -55.06 10.12 -38.03
CA THR C 167 -55.06 9.40 -36.77
C THR C 167 -55.87 8.12 -36.89
N HIS C 168 -55.42 7.05 -36.22
CA HIS C 168 -56.12 5.77 -36.27
C HIS C 168 -56.59 5.31 -34.89
N PHE C 169 -57.64 4.49 -34.90
CA PHE C 169 -58.21 3.93 -33.69
C PHE C 169 -59.40 3.08 -34.13
N THR C 170 -59.72 2.06 -33.36
CA THR C 170 -60.84 1.19 -33.69
C THR C 170 -61.87 1.29 -32.56
N PHE C 171 -63.15 1.43 -32.93
CA PHE C 171 -64.19 1.54 -31.91
C PHE C 171 -65.09 0.30 -31.90
N LYS C 172 -66.19 0.35 -32.65
CA LYS C 172 -67.09 -0.79 -32.69
C LYS C 172 -66.50 -1.86 -33.60
N ASN C 173 -65.30 -2.33 -33.22
CA ASN C 173 -64.59 -3.36 -33.98
C ASN C 173 -64.44 -2.90 -35.43
N LEU C 174 -64.08 -1.63 -35.59
CA LEU C 174 -63.91 -1.06 -36.91
C LEU C 174 -62.62 -0.26 -37.08
N HIS C 175 -61.92 -0.52 -38.18
CA HIS C 175 -60.65 0.14 -38.50
C HIS C 175 -60.83 1.60 -38.94
N PHE C 176 -60.60 2.52 -38.01
CA PHE C 176 -60.75 3.95 -38.29
C PHE C 176 -59.47 4.70 -38.66
N ARG C 177 -59.54 5.44 -39.76
CA ARG C 177 -58.44 6.25 -40.23
C ARG C 177 -58.98 7.68 -40.32
N LEU C 178 -58.67 8.48 -39.30
CA LEU C 178 -59.11 9.88 -39.21
C LEU C 178 -58.26 10.87 -39.99
N PHE C 179 -58.89 11.90 -40.53
CA PHE C 179 -58.18 12.92 -41.30
C PHE C 179 -58.64 14.34 -41.02
N ASP C 180 -58.20 14.91 -39.92
CA ASP C 180 -58.55 16.28 -39.56
C ASP C 180 -57.83 17.18 -40.57
N VAL C 181 -58.48 18.22 -41.06
CA VAL C 181 -57.84 19.11 -42.03
C VAL C 181 -57.84 20.59 -41.66
N GLY C 182 -57.46 21.45 -42.59
CA GLY C 182 -57.47 22.88 -42.33
C GLY C 182 -58.77 23.45 -42.87
N GLY C 183 -59.43 24.29 -42.09
CA GLY C 183 -60.69 24.87 -42.53
C GLY C 183 -60.55 26.03 -43.51
N GLN C 184 -59.61 26.94 -43.22
CA GLN C 184 -59.35 28.11 -44.05
C GLN C 184 -59.41 27.85 -45.55
N ARG C 185 -59.52 28.92 -46.32
CA ARG C 185 -59.62 28.84 -47.76
C ARG C 185 -58.34 28.36 -48.43
N SER C 186 -57.22 28.66 -47.81
CA SER C 186 -55.96 28.26 -48.39
C SER C 186 -55.67 26.77 -48.29
N GLU C 187 -56.07 26.15 -47.17
CA GLU C 187 -55.79 24.74 -46.95
C GLU C 187 -56.63 23.83 -47.84
N ARG C 188 -57.68 24.38 -48.42
CA ARG C 188 -58.58 23.60 -49.25
C ARG C 188 -58.00 23.00 -50.53
N LYS C 189 -57.06 23.67 -51.17
CA LYS C 189 -56.46 23.11 -52.38
C LYS C 189 -55.75 21.79 -52.01
N LYS C 190 -55.27 21.73 -50.76
CA LYS C 190 -54.57 20.55 -50.22
C LYS C 190 -55.53 19.38 -50.03
N TRP C 191 -56.80 19.71 -49.87
CA TRP C 191 -57.83 18.72 -49.66
C TRP C 191 -57.90 17.59 -50.69
N ILE C 192 -57.79 17.94 -51.97
CA ILE C 192 -57.88 16.95 -53.04
C ILE C 192 -57.15 15.63 -52.84
N HIS C 193 -56.05 15.65 -52.09
CA HIS C 193 -55.28 14.45 -51.87
C HIS C 193 -55.99 13.35 -51.10
N CYS C 194 -56.30 13.59 -49.84
CA CYS C 194 -57.02 12.59 -49.04
C CYS C 194 -58.48 12.49 -49.50
N PHE C 195 -58.69 12.50 -50.81
CA PHE C 195 -60.04 12.41 -51.39
C PHE C 195 -60.25 11.07 -52.09
N GLU C 196 -59.35 10.13 -51.83
CA GLU C 196 -59.45 8.82 -52.44
C GLU C 196 -60.30 7.88 -51.61
N ASP C 197 -61.41 7.46 -52.20
CA ASP C 197 -62.34 6.54 -51.58
C ASP C 197 -62.51 6.73 -50.07
N VAL C 198 -63.44 7.58 -49.69
CA VAL C 198 -63.69 7.80 -48.28
C VAL C 198 -64.95 7.02 -47.97
N THR C 199 -65.01 6.47 -46.76
CA THR C 199 -66.18 5.72 -46.35
C THR C 199 -67.19 6.75 -45.90
N ALA C 200 -66.71 7.73 -45.15
CA ALA C 200 -67.58 8.76 -44.63
C ALA C 200 -66.88 10.09 -44.37
N ILE C 201 -67.68 11.15 -44.41
CA ILE C 201 -67.23 12.51 -44.18
C ILE C 201 -68.10 13.13 -43.12
N ILE C 202 -67.47 13.66 -42.08
CA ILE C 202 -68.23 14.35 -41.06
C ILE C 202 -67.93 15.82 -41.32
N PHE C 203 -68.79 16.46 -42.10
CA PHE C 203 -68.61 17.86 -42.42
C PHE C 203 -69.08 18.73 -41.28
N CYS C 204 -68.22 19.63 -40.81
CA CYS C 204 -68.61 20.50 -39.71
C CYS C 204 -69.02 21.91 -40.08
N VAL C 205 -70.06 22.35 -39.38
CA VAL C 205 -70.67 23.66 -39.58
C VAL C 205 -71.02 24.29 -38.25
N ALA C 206 -70.29 25.33 -37.84
CA ALA C 206 -70.58 25.99 -36.58
C ALA C 206 -71.82 26.86 -36.72
N LEU C 207 -72.92 26.34 -36.16
CA LEU C 207 -74.18 27.04 -36.22
C LEU C 207 -74.02 28.49 -35.78
N SER C 208 -73.23 28.72 -34.74
CA SER C 208 -73.04 30.06 -34.21
C SER C 208 -72.46 31.12 -35.16
N GLY C 209 -72.09 30.74 -36.37
CA GLY C 209 -71.52 31.71 -37.26
C GLY C 209 -72.45 32.41 -38.22
N TYR C 210 -73.75 32.41 -37.97
CA TYR C 210 -74.64 33.06 -38.90
C TYR C 210 -74.47 34.57 -38.81
N ASP C 211 -73.88 35.04 -37.71
CA ASP C 211 -73.67 36.46 -37.54
C ASP C 211 -72.19 36.79 -37.38
N GLN C 212 -71.36 36.07 -38.13
CA GLN C 212 -69.92 36.25 -38.10
C GLN C 212 -69.30 36.18 -39.49
N VAL C 213 -68.10 36.75 -39.62
CA VAL C 213 -67.39 36.81 -40.88
C VAL C 213 -66.09 36.06 -40.84
N LEU C 214 -65.67 35.53 -41.99
CA LEU C 214 -64.46 34.76 -42.09
C LEU C 214 -63.23 35.42 -41.53
N HIS C 215 -62.39 34.61 -40.93
CA HIS C 215 -61.12 35.03 -40.37
C HIS C 215 -60.26 35.45 -41.59
N GLU C 216 -60.42 34.72 -42.70
CA GLU C 216 -59.70 34.94 -43.97
C GLU C 216 -59.75 36.36 -44.48
N ASP C 217 -60.98 36.87 -44.65
CA ASP C 217 -61.24 38.23 -45.12
C ASP C 217 -62.45 38.70 -44.31
N GLU C 218 -62.32 39.81 -43.60
CA GLU C 218 -63.43 40.27 -42.77
C GLU C 218 -64.73 40.59 -43.52
N THR C 219 -64.95 39.98 -44.68
CA THR C 219 -66.15 40.26 -45.51
C THR C 219 -67.22 39.19 -45.67
N THR C 220 -66.81 37.97 -46.00
CA THR C 220 -67.75 36.90 -46.19
C THR C 220 -68.26 36.44 -44.86
N ASN C 221 -69.54 36.10 -44.86
CA ASN C 221 -70.24 35.63 -43.68
C ASN C 221 -69.97 34.15 -43.46
N ARG C 222 -69.46 33.81 -42.27
CA ARG C 222 -69.12 32.42 -41.90
C ARG C 222 -70.10 31.34 -42.34
N MET C 223 -71.39 31.56 -42.11
CA MET C 223 -72.40 30.60 -42.49
C MET C 223 -72.49 30.37 -44.00
N HIS C 224 -72.47 31.45 -44.76
CA HIS C 224 -72.54 31.36 -46.21
C HIS C 224 -71.35 30.59 -46.73
N GLU C 225 -70.20 30.89 -46.16
CA GLU C 225 -68.98 30.23 -46.55
C GLU C 225 -69.24 28.74 -46.40
N SER C 226 -69.70 28.31 -45.23
CA SER C 226 -70.00 26.90 -45.02
C SER C 226 -70.91 26.43 -46.15
N LEU C 227 -72.15 26.89 -46.16
CA LEU C 227 -73.08 26.51 -47.21
C LEU C 227 -72.43 26.38 -48.59
N MET C 228 -71.67 27.39 -48.99
CA MET C 228 -71.04 27.34 -50.29
C MET C 228 -70.04 26.18 -50.30
N LEU C 229 -69.25 26.06 -49.24
CA LEU C 229 -68.24 24.99 -49.13
C LEU C 229 -68.80 23.58 -49.13
N PHE C 230 -69.96 23.41 -48.50
CA PHE C 230 -70.62 22.12 -48.41
C PHE C 230 -71.26 21.81 -49.76
N ASP C 231 -71.72 22.84 -50.45
CA ASP C 231 -72.33 22.59 -51.73
C ASP C 231 -71.28 21.98 -52.65
N SER C 232 -70.02 22.38 -52.46
CA SER C 232 -68.96 21.84 -53.27
C SER C 232 -68.72 20.39 -52.91
N ILE C 233 -68.37 20.18 -51.64
CA ILE C 233 -68.10 18.85 -51.12
C ILE C 233 -69.23 17.88 -51.43
N CYS C 234 -70.43 18.24 -50.99
CA CYS C 234 -71.62 17.40 -51.18
C CYS C 234 -71.83 16.81 -52.58
N ASN C 235 -71.88 17.66 -53.60
CA ASN C 235 -72.11 17.17 -54.93
C ASN C 235 -70.85 16.70 -55.66
N ASN C 236 -69.78 16.50 -54.90
CA ASN C 236 -68.51 16.04 -55.49
C ASN C 236 -68.57 14.56 -55.85
N LYS C 237 -68.12 14.24 -57.06
CA LYS C 237 -68.12 12.86 -57.54
C LYS C 237 -67.39 11.89 -56.61
N PHE C 238 -66.16 12.24 -56.22
CA PHE C 238 -65.34 11.41 -55.34
C PHE C 238 -66.09 10.88 -54.11
N PHE C 239 -67.29 11.41 -53.87
CA PHE C 239 -68.07 10.99 -52.70
C PHE C 239 -69.41 10.33 -52.99
N ILE C 240 -69.79 10.24 -54.27
CA ILE C 240 -71.07 9.62 -54.64
C ILE C 240 -71.48 8.50 -53.69
N ASP C 241 -70.70 7.43 -53.62
CA ASP C 241 -71.00 6.29 -52.75
C ASP C 241 -70.47 6.44 -51.33
N THR C 242 -70.30 7.68 -50.88
CA THR C 242 -69.80 7.94 -49.52
C THR C 242 -70.86 8.47 -48.57
N SER C 243 -70.72 8.08 -47.30
CA SER C 243 -71.66 8.52 -46.26
C SER C 243 -71.37 9.96 -45.91
N ILE C 244 -72.37 10.83 -46.09
CA ILE C 244 -72.23 12.27 -45.81
C ILE C 244 -73.04 12.71 -44.57
N ILE C 245 -72.37 12.95 -43.46
CA ILE C 245 -73.06 13.37 -42.25
C ILE C 245 -72.76 14.83 -41.99
N LEU C 246 -73.79 15.57 -41.60
CA LEU C 246 -73.67 16.99 -41.32
C LEU C 246 -73.75 17.27 -39.82
N PHE C 247 -72.63 17.73 -39.25
CA PHE C 247 -72.54 18.05 -37.82
C PHE C 247 -72.74 19.55 -37.57
N LEU C 248 -73.96 19.95 -37.19
CA LEU C 248 -74.23 21.35 -36.93
C LEU C 248 -73.72 21.74 -35.55
N ASN C 249 -72.39 21.79 -35.46
CA ASN C 249 -71.68 22.11 -34.23
C ASN C 249 -72.04 23.42 -33.53
N LYS C 250 -71.51 23.58 -32.32
CA LYS C 250 -71.71 24.77 -31.49
C LYS C 250 -73.16 25.12 -31.14
N LYS C 251 -74.05 24.14 -31.18
CA LYS C 251 -75.45 24.43 -30.87
C LYS C 251 -75.64 25.05 -29.50
N ASP C 252 -74.68 24.86 -28.61
CA ASP C 252 -74.78 25.43 -27.29
C ASP C 252 -74.69 26.95 -27.36
N LEU C 253 -73.75 27.44 -28.18
CA LEU C 253 -73.53 28.88 -28.37
C LEU C 253 -74.66 29.43 -29.24
N PHE C 254 -75.04 28.64 -30.23
CA PHE C 254 -76.11 29.00 -31.15
C PHE C 254 -77.34 29.51 -30.41
N GLY C 255 -77.84 28.69 -29.48
CA GLY C 255 -79.04 29.02 -28.73
C GLY C 255 -78.95 30.18 -27.75
N GLU C 256 -77.77 30.43 -27.21
CA GLU C 256 -77.61 31.52 -26.27
C GLU C 256 -77.38 32.84 -27.00
N LYS C 257 -77.88 32.92 -28.22
CA LYS C 257 -77.74 34.12 -29.03
C LYS C 257 -78.84 34.24 -30.07
N ILE C 258 -79.34 33.12 -30.57
CA ILE C 258 -80.40 33.17 -31.57
C ILE C 258 -81.59 34.01 -31.08
N LYS C 259 -81.68 34.20 -29.78
CA LYS C 259 -82.76 34.98 -29.17
C LYS C 259 -82.42 36.46 -29.01
N LYS C 260 -81.19 36.84 -29.34
CA LYS C 260 -80.78 38.22 -29.23
C LYS C 260 -80.00 38.72 -30.46
N SER C 261 -79.92 37.90 -31.49
CA SER C 261 -79.24 38.26 -32.73
C SER C 261 -79.98 37.55 -33.86
N PRO C 262 -80.87 38.27 -34.54
CA PRO C 262 -81.69 37.77 -35.64
C PRO C 262 -80.97 36.99 -36.70
N LEU C 263 -81.51 35.82 -37.01
CA LEU C 263 -80.97 34.95 -38.05
C LEU C 263 -81.05 35.64 -39.40
N THR C 264 -81.64 36.82 -39.42
CA THR C 264 -81.79 37.56 -40.65
C THR C 264 -80.49 38.27 -41.03
N ILE C 265 -79.59 38.39 -40.06
CA ILE C 265 -78.31 39.01 -40.29
C ILE C 265 -77.63 38.16 -41.35
N CYS C 266 -77.97 36.88 -41.36
CA CYS C 266 -77.43 35.93 -42.33
C CYS C 266 -78.34 35.83 -43.55
N PHE C 267 -79.58 35.43 -43.33
CA PHE C 267 -80.54 35.31 -44.42
C PHE C 267 -81.58 36.39 -44.21
N PRO C 268 -81.57 37.43 -45.05
CA PRO C 268 -82.57 38.52 -44.92
C PRO C 268 -83.94 37.94 -45.21
N GLU C 269 -83.92 36.90 -46.03
CA GLU C 269 -85.09 36.17 -46.45
C GLU C 269 -85.85 35.60 -45.26
N TYR C 270 -85.11 34.94 -44.37
CA TYR C 270 -85.65 34.29 -43.20
C TYR C 270 -86.92 34.90 -42.65
N PRO C 271 -88.02 34.15 -42.75
CA PRO C 271 -89.38 34.44 -42.32
C PRO C 271 -89.76 33.89 -40.94
N GLY C 272 -88.98 32.93 -40.45
CA GLY C 272 -89.27 32.34 -39.16
C GLY C 272 -89.10 33.30 -38.02
N SER C 273 -89.04 32.76 -36.81
CA SER C 273 -88.86 33.54 -35.59
C SER C 273 -87.48 33.32 -35.02
N ASN C 274 -87.17 34.00 -33.93
CA ASN C 274 -85.86 33.86 -33.32
C ASN C 274 -85.88 32.87 -32.19
N THR C 275 -85.88 31.59 -32.58
CA THR C 275 -85.94 30.49 -31.65
C THR C 275 -85.13 29.32 -32.19
N TYR C 276 -84.56 28.55 -31.28
CA TYR C 276 -83.76 27.39 -31.64
C TYR C 276 -84.43 26.50 -32.69
N GLU C 277 -85.71 26.21 -32.50
CA GLU C 277 -86.47 25.37 -33.45
C GLU C 277 -86.41 25.95 -34.85
N ASP C 278 -87.27 26.94 -35.09
CA ASP C 278 -87.39 27.63 -36.37
C ASP C 278 -86.06 27.82 -37.06
N ALA C 279 -85.17 28.57 -36.42
CA ALA C 279 -83.87 28.84 -36.99
C ALA C 279 -83.08 27.59 -37.37
N ALA C 280 -83.03 26.60 -36.48
CA ALA C 280 -82.32 25.35 -36.75
C ALA C 280 -82.96 24.69 -37.96
N ALA C 281 -84.28 24.74 -37.99
CA ALA C 281 -85.02 24.18 -39.09
C ALA C 281 -84.60 24.87 -40.39
N TYR C 282 -84.58 26.21 -40.39
CA TYR C 282 -84.19 26.97 -41.57
C TYR C 282 -82.73 26.67 -41.99
N ILE C 283 -81.79 26.76 -41.05
CA ILE C 283 -80.37 26.51 -41.35
C ILE C 283 -80.19 25.12 -41.94
N GLN C 284 -80.97 24.18 -41.44
CA GLN C 284 -80.85 22.82 -41.90
C GLN C 284 -81.40 22.67 -43.29
N THR C 285 -82.57 23.26 -43.49
CA THR C 285 -83.25 23.22 -44.79
C THR C 285 -82.27 23.68 -45.84
N GLN C 286 -81.43 24.64 -45.45
CA GLN C 286 -80.42 25.19 -46.32
C GLN C 286 -79.44 24.14 -46.71
N PHE C 287 -78.64 23.71 -45.75
CA PHE C 287 -77.64 22.69 -46.01
C PHE C 287 -78.18 21.48 -46.76
N GLU C 288 -79.37 21.02 -46.40
CA GLU C 288 -79.92 19.86 -47.10
C GLU C 288 -80.41 20.18 -48.52
N SER C 289 -80.48 21.47 -48.86
CA SER C 289 -80.93 21.85 -50.18
C SER C 289 -79.71 21.99 -51.11
N LYS C 290 -78.54 21.85 -50.52
CA LYS C 290 -77.30 21.95 -51.27
C LYS C 290 -76.96 20.59 -51.85
N ASN C 291 -77.87 19.65 -51.68
CA ASN C 291 -77.67 18.30 -52.21
C ASN C 291 -78.36 18.24 -53.58
N ARG C 292 -77.67 17.67 -54.56
CA ARG C 292 -78.22 17.60 -55.91
C ARG C 292 -78.75 16.23 -56.35
N SER C 293 -77.89 15.21 -56.25
CA SER C 293 -78.27 13.84 -56.64
C SER C 293 -79.46 13.30 -55.84
N PRO C 294 -80.66 13.26 -56.48
CA PRO C 294 -81.86 12.75 -55.79
C PRO C 294 -81.65 11.40 -55.13
N ASN C 295 -80.75 10.59 -55.71
CA ASN C 295 -80.43 9.27 -55.19
C ASN C 295 -79.30 9.33 -54.18
N LYS C 296 -79.34 10.34 -53.31
CA LYS C 296 -78.30 10.51 -52.31
C LYS C 296 -78.93 10.99 -51.03
N GLU C 297 -78.35 10.60 -49.90
CA GLU C 297 -78.87 11.02 -48.61
C GLU C 297 -77.80 11.56 -47.67
N ILE C 298 -78.16 12.64 -46.99
CA ILE C 298 -77.27 13.29 -46.05
C ILE C 298 -77.94 13.16 -44.70
N TYR C 299 -77.16 13.19 -43.63
CA TYR C 299 -77.71 13.03 -42.30
C TYR C 299 -77.37 14.21 -41.38
N CYS C 300 -78.39 14.83 -40.79
CA CYS C 300 -78.20 15.99 -39.92
C CYS C 300 -78.05 15.58 -38.44
N HIS C 301 -77.33 16.38 -37.66
CA HIS C 301 -77.10 16.13 -36.23
C HIS C 301 -76.66 17.37 -35.44
N MET C 302 -77.53 17.94 -34.62
CA MET C 302 -77.16 19.11 -33.83
C MET C 302 -76.12 18.61 -32.84
N THR C 303 -74.87 19.02 -33.02
CA THR C 303 -73.81 18.54 -32.15
C THR C 303 -73.28 19.57 -31.15
N CYS C 304 -72.18 19.21 -30.50
CA CYS C 304 -71.53 20.07 -29.52
C CYS C 304 -70.20 19.45 -29.10
N ALA C 305 -69.23 19.52 -29.99
CA ALA C 305 -67.91 18.96 -29.76
C ALA C 305 -67.32 19.04 -28.35
N THR C 306 -67.66 20.06 -27.56
CA THR C 306 -67.07 20.16 -26.21
C THR C 306 -67.69 19.29 -25.13
N ASP C 307 -68.94 18.88 -25.34
CA ASP C 307 -69.63 18.01 -24.39
C ASP C 307 -69.40 16.59 -24.88
N THR C 308 -68.52 15.88 -24.18
CA THR C 308 -68.14 14.51 -24.55
C THR C 308 -69.30 13.53 -24.74
N ASN C 309 -70.20 13.47 -23.77
CA ASN C 309 -71.33 12.55 -23.85
C ASN C 309 -72.17 12.78 -25.09
N ASN C 310 -72.33 14.05 -25.45
CA ASN C 310 -73.09 14.41 -26.64
C ASN C 310 -72.41 13.82 -27.87
N ILE C 311 -71.16 14.20 -28.08
CA ILE C 311 -70.40 13.73 -29.22
C ILE C 311 -70.27 12.20 -29.20
N GLN C 312 -70.30 11.61 -28.01
CA GLN C 312 -70.19 10.17 -27.90
C GLN C 312 -71.38 9.47 -28.55
N VAL C 313 -72.57 9.80 -28.06
CA VAL C 313 -73.81 9.21 -28.57
C VAL C 313 -73.86 9.38 -30.07
N VAL C 314 -73.49 10.57 -30.52
CA VAL C 314 -73.49 10.93 -31.93
C VAL C 314 -72.53 10.09 -32.79
N PHE C 315 -71.26 10.00 -32.39
CA PHE C 315 -70.33 9.20 -33.18
C PHE C 315 -70.81 7.76 -33.13
N ASP C 316 -71.54 7.45 -32.07
CA ASP C 316 -72.10 6.11 -31.89
C ASP C 316 -73.04 5.91 -33.08
N ALA C 317 -74.04 6.77 -33.17
CA ALA C 317 -75.02 6.71 -34.26
C ALA C 317 -74.32 6.89 -35.60
N VAL C 318 -73.25 7.67 -35.60
CA VAL C 318 -72.47 7.93 -36.80
C VAL C 318 -72.07 6.59 -37.42
N THR C 319 -71.41 5.76 -36.61
CA THR C 319 -70.96 4.45 -37.05
C THR C 319 -72.18 3.70 -37.59
N ASP C 320 -73.23 3.66 -36.78
CA ASP C 320 -74.48 2.98 -37.11
C ASP C 320 -74.89 3.25 -38.56
N ILE C 321 -74.81 4.52 -38.96
CA ILE C 321 -75.18 4.91 -40.31
C ILE C 321 -74.24 4.29 -41.32
N ILE C 322 -72.95 4.30 -40.99
CA ILE C 322 -71.93 3.75 -41.87
C ILE C 322 -72.18 2.27 -42.15
N ILE C 323 -72.22 1.47 -41.09
CA ILE C 323 -72.46 0.03 -41.23
C ILE C 323 -73.43 -0.15 -42.40
N ALA C 324 -74.53 0.58 -42.36
CA ALA C 324 -75.54 0.53 -43.40
C ALA C 324 -75.04 1.31 -44.60
N SER D 13 -35.34 24.79 -27.49
CA SER D 13 -36.41 25.59 -28.15
C SER D 13 -36.69 25.11 -29.56
N PHE D 14 -37.73 25.70 -30.15
CA PHE D 14 -38.16 25.39 -31.50
C PHE D 14 -37.32 26.12 -32.53
N ASP D 15 -36.91 27.34 -32.20
CA ASP D 15 -36.13 28.16 -33.12
C ASP D 15 -34.81 27.50 -33.51
N LEU D 16 -34.16 26.84 -32.56
CA LEU D 16 -32.89 26.19 -32.84
C LEU D 16 -33.09 25.16 -33.94
N LEU D 17 -34.34 24.84 -34.23
CA LEU D 17 -34.67 23.89 -35.28
C LEU D 17 -34.77 24.60 -36.62
N LEU D 18 -34.80 25.93 -36.57
CA LEU D 18 -34.91 26.80 -37.74
C LEU D 18 -33.60 27.51 -38.07
N ASN D 19 -32.54 27.12 -37.36
CA ASN D 19 -31.21 27.68 -37.56
C ASN D 19 -30.30 26.48 -37.69
N SER D 20 -30.94 25.32 -37.86
CA SER D 20 -30.26 24.06 -38.01
C SER D 20 -30.45 23.56 -39.43
N LYS D 21 -29.44 23.79 -40.27
CA LYS D 21 -29.48 23.37 -41.66
C LYS D 21 -29.89 21.89 -41.68
N ASN D 22 -29.68 21.23 -40.55
CA ASN D 22 -29.99 19.82 -40.38
C ASN D 22 -31.43 19.63 -39.88
N GLY D 23 -31.74 20.28 -38.76
CA GLY D 23 -33.08 20.19 -38.17
C GLY D 23 -34.17 20.71 -39.08
N VAL D 24 -33.96 21.88 -39.66
CA VAL D 24 -34.94 22.47 -40.57
C VAL D 24 -35.34 21.50 -41.68
N ALA D 25 -34.36 20.75 -42.19
CA ALA D 25 -34.61 19.78 -43.27
C ALA D 25 -35.43 18.61 -42.74
N ALA D 26 -35.34 18.40 -41.43
CA ALA D 26 -36.06 17.34 -40.74
C ALA D 26 -37.54 17.73 -40.64
N PHE D 27 -37.76 18.94 -40.15
CA PHE D 27 -39.09 19.48 -40.02
C PHE D 27 -39.77 19.32 -41.38
N HIS D 28 -39.21 19.97 -42.40
CA HIS D 28 -39.74 19.94 -43.76
C HIS D 28 -40.23 18.57 -44.25
N ALA D 29 -39.37 17.57 -44.15
CA ALA D 29 -39.73 16.23 -44.59
C ALA D 29 -40.93 15.73 -43.82
N PHE D 30 -40.99 16.07 -42.54
CA PHE D 30 -42.09 15.69 -41.67
C PHE D 30 -43.38 16.39 -42.12
N LEU D 31 -43.25 17.70 -42.34
CA LEU D 31 -44.35 18.56 -42.78
C LEU D 31 -44.76 18.19 -44.19
N LYS D 32 -43.79 17.80 -45.01
CA LYS D 32 -44.07 17.45 -46.38
C LYS D 32 -45.07 16.30 -46.47
N THR D 33 -45.19 15.56 -45.37
CA THR D 33 -46.11 14.42 -45.32
C THR D 33 -47.38 14.74 -44.54
N GLU D 34 -47.39 15.88 -43.86
CA GLU D 34 -48.57 16.30 -43.11
C GLU D 34 -49.30 17.30 -43.99
N PHE D 35 -48.65 17.62 -45.11
CA PHE D 35 -49.16 18.55 -46.12
C PHE D 35 -49.13 20.02 -45.72
N SER D 36 -48.17 20.42 -44.91
CA SER D 36 -48.07 21.81 -44.48
C SER D 36 -46.63 22.32 -44.49
N GLU D 37 -45.90 22.00 -45.54
CA GLU D 37 -44.50 22.42 -45.64
C GLU D 37 -44.34 23.80 -46.27
N GLU D 38 -45.32 24.21 -47.07
CA GLU D 38 -45.20 25.52 -47.69
C GLU D 38 -45.12 26.57 -46.62
N ASN D 39 -45.40 26.18 -45.39
CA ASN D 39 -45.31 27.12 -44.26
C ASN D 39 -43.83 27.29 -43.95
N LEU D 40 -43.10 26.17 -43.97
CA LEU D 40 -41.68 26.23 -43.69
C LEU D 40 -41.01 26.84 -44.90
N GLU D 41 -41.41 26.40 -46.08
CA GLU D 41 -40.87 26.93 -47.31
C GLU D 41 -41.00 28.46 -47.32
N PHE D 42 -42.22 28.94 -47.08
CA PHE D 42 -42.49 30.37 -47.04
C PHE D 42 -41.56 31.05 -46.02
N TRP D 43 -41.41 30.44 -44.85
CA TRP D 43 -40.56 31.00 -43.82
C TRP D 43 -39.13 31.18 -44.31
N LEU D 44 -38.61 30.13 -44.96
CA LEU D 44 -37.26 30.15 -45.49
C LEU D 44 -37.19 31.22 -46.54
N ALA D 45 -38.13 31.16 -47.48
CA ALA D 45 -38.20 32.15 -48.54
C ALA D 45 -37.94 33.54 -47.94
N CYS D 46 -38.64 33.84 -46.86
CA CYS D 46 -38.49 35.12 -46.18
C CYS D 46 -37.09 35.40 -45.70
N GLU D 47 -36.53 34.46 -44.94
CA GLU D 47 -35.18 34.62 -44.40
C GLU D 47 -34.15 34.98 -45.43
N GLU D 48 -34.34 34.51 -46.66
CA GLU D 48 -33.41 34.80 -47.74
C GLU D 48 -33.72 36.16 -48.37
N PHE D 49 -35.00 36.51 -48.39
CA PHE D 49 -35.44 37.77 -48.95
C PHE D 49 -34.77 38.93 -48.26
N LYS D 50 -34.63 38.83 -46.94
CA LYS D 50 -34.03 39.89 -46.14
C LYS D 50 -32.55 40.08 -46.40
N LYS D 51 -31.92 39.16 -47.12
CA LYS D 51 -30.50 39.27 -47.38
C LYS D 51 -30.22 39.97 -48.69
N ILE D 52 -31.21 39.99 -49.57
CA ILE D 52 -31.08 40.61 -50.90
C ILE D 52 -30.52 42.03 -50.77
N ARG D 53 -29.38 42.28 -51.43
CA ARG D 53 -28.78 43.61 -51.39
C ARG D 53 -29.24 44.50 -52.50
N SER D 54 -29.42 43.91 -53.69
CA SER D 54 -29.86 44.65 -54.87
C SER D 54 -31.29 45.15 -54.69
N ALA D 55 -31.55 46.36 -55.18
CA ALA D 55 -32.88 46.98 -55.07
C ALA D 55 -33.91 46.37 -56.01
N THR D 56 -33.46 46.04 -57.23
CA THR D 56 -34.33 45.45 -58.25
C THR D 56 -34.66 44.03 -57.83
N LYS D 57 -33.63 43.25 -57.55
CA LYS D 57 -33.84 41.87 -57.13
C LYS D 57 -34.84 41.81 -56.00
N LEU D 58 -34.79 42.79 -55.11
CA LEU D 58 -35.70 42.81 -53.96
C LEU D 58 -37.14 42.90 -54.40
N ALA D 59 -37.41 43.72 -55.40
CA ALA D 59 -38.78 43.85 -55.87
C ALA D 59 -39.14 42.59 -56.64
N SER D 60 -38.17 42.03 -57.34
CA SER D 60 -38.42 40.83 -58.11
C SER D 60 -38.81 39.70 -57.20
N ARG D 61 -38.21 39.59 -56.05
CA ARG D 61 -38.60 38.48 -55.23
C ARG D 61 -39.81 38.74 -54.38
N ALA D 62 -40.02 39.99 -53.99
CA ALA D 62 -41.17 40.31 -53.18
C ALA D 62 -42.38 39.84 -53.98
N HIS D 63 -42.43 40.24 -55.25
CA HIS D 63 -43.53 39.83 -56.12
C HIS D 63 -43.58 38.34 -56.26
N HIS D 64 -42.42 37.72 -56.37
CA HIS D 64 -42.42 36.29 -56.47
C HIS D 64 -43.04 35.72 -55.20
N ILE D 65 -42.34 35.84 -54.08
CA ILE D 65 -42.89 35.32 -52.84
C ILE D 65 -44.40 35.56 -52.79
N PHE D 66 -44.80 36.82 -52.93
CA PHE D 66 -46.21 37.18 -52.86
C PHE D 66 -47.09 36.32 -53.73
N ASP D 67 -46.62 36.00 -54.92
CA ASP D 67 -47.42 35.20 -55.84
C ASP D 67 -47.34 33.71 -55.60
N GLU D 68 -46.30 33.28 -54.90
CA GLU D 68 -46.11 31.87 -54.61
C GLU D 68 -46.67 31.48 -53.23
N TYR D 69 -46.77 32.45 -52.32
CA TYR D 69 -47.25 32.16 -50.98
C TYR D 69 -48.45 32.93 -50.44
N ILE D 70 -48.53 34.23 -50.72
CA ILE D 70 -49.62 35.03 -50.21
C ILE D 70 -50.79 35.22 -51.18
N ARG D 71 -50.49 35.42 -52.46
CA ARG D 71 -51.54 35.61 -53.48
C ARG D 71 -52.71 34.67 -53.22
N SER D 72 -53.86 34.98 -53.76
CA SER D 72 -54.98 34.08 -53.53
C SER D 72 -54.84 32.88 -54.46
N GLU D 73 -54.94 31.69 -53.88
CA GLU D 73 -54.79 30.43 -54.62
C GLU D 73 -53.37 30.23 -55.11
N ALA D 74 -52.42 30.85 -54.41
CA ALA D 74 -51.03 30.72 -54.78
C ALA D 74 -50.65 29.26 -54.55
N PRO D 75 -49.88 28.69 -55.46
CA PRO D 75 -49.42 27.30 -55.41
C PRO D 75 -49.10 26.88 -53.99
N LYS D 76 -48.44 27.75 -53.24
CA LYS D 76 -48.12 27.44 -51.86
C LYS D 76 -48.69 28.50 -50.94
N GLU D 77 -50.00 28.73 -51.06
CA GLU D 77 -50.69 29.71 -50.24
C GLU D 77 -50.65 29.36 -48.77
N VAL D 78 -50.16 30.28 -47.96
CA VAL D 78 -50.10 30.03 -46.53
C VAL D 78 -51.38 30.51 -45.86
N ASN D 79 -51.60 30.01 -44.66
CA ASN D 79 -52.78 30.32 -43.88
C ASN D 79 -52.71 31.59 -43.03
N ILE D 80 -52.66 32.76 -43.65
CA ILE D 80 -52.63 34.02 -42.91
C ILE D 80 -54.08 34.48 -42.78
N ASP D 81 -54.32 35.58 -42.07
CA ASP D 81 -55.69 36.10 -41.93
C ASP D 81 -55.90 37.38 -42.76
N HIS D 82 -57.09 37.94 -42.67
CA HIS D 82 -57.43 39.14 -43.43
C HIS D 82 -56.42 40.28 -43.29
N GLU D 83 -56.15 40.70 -42.05
CA GLU D 83 -55.21 41.79 -41.85
C GLU D 83 -53.82 41.47 -42.41
N THR D 84 -53.18 40.45 -41.85
CA THR D 84 -51.86 40.05 -42.30
C THR D 84 -51.80 40.10 -43.83
N ARG D 85 -52.76 39.44 -44.48
CA ARG D 85 -52.82 39.41 -45.94
C ARG D 85 -52.71 40.80 -46.52
N GLU D 86 -53.71 41.62 -46.21
CA GLU D 86 -53.77 42.98 -46.71
C GLU D 86 -52.48 43.73 -46.44
N LEU D 87 -52.09 43.73 -45.19
CA LEU D 87 -50.89 44.39 -44.78
C LEU D 87 -49.77 44.01 -45.77
N THR D 88 -49.57 42.71 -45.96
CA THR D 88 -48.53 42.26 -46.87
C THR D 88 -48.74 42.91 -48.22
N LYS D 89 -49.98 42.90 -48.68
CA LYS D 89 -50.35 43.45 -49.97
C LYS D 89 -49.90 44.91 -50.11
N THR D 90 -50.21 45.72 -49.11
CA THR D 90 -49.83 47.12 -49.14
C THR D 90 -48.32 47.26 -49.21
N ASN D 91 -47.62 46.59 -48.29
CA ASN D 91 -46.17 46.65 -48.25
C ASN D 91 -45.55 46.41 -49.59
N LEU D 92 -46.24 45.61 -50.40
CA LEU D 92 -45.71 45.28 -51.70
C LEU D 92 -45.57 46.50 -52.60
N GLN D 93 -46.38 47.53 -52.34
CA GLN D 93 -46.32 48.74 -53.15
C GLN D 93 -44.96 49.43 -53.08
N ALA D 94 -44.16 49.08 -52.10
CA ALA D 94 -42.81 49.64 -51.95
C ALA D 94 -41.93 48.58 -51.32
N ALA D 95 -41.25 47.82 -52.16
CA ALA D 95 -40.38 46.74 -51.72
C ALA D 95 -39.43 47.11 -50.57
N THR D 96 -39.62 46.46 -49.43
CA THR D 96 -38.80 46.70 -48.25
C THR D 96 -38.42 45.34 -47.66
N THR D 97 -37.21 45.21 -47.14
CA THR D 97 -36.75 43.95 -46.53
C THR D 97 -37.66 43.49 -45.40
N SER D 98 -38.39 44.44 -44.84
CA SER D 98 -39.29 44.18 -43.74
C SER D 98 -40.72 44.01 -44.25
N CYS D 99 -40.84 43.50 -45.47
CA CYS D 99 -42.14 43.32 -46.12
C CYS D 99 -42.98 42.17 -45.60
N PHE D 100 -42.45 40.95 -45.74
CA PHE D 100 -43.17 39.77 -45.34
C PHE D 100 -43.03 39.38 -43.91
N ASP D 101 -42.46 40.27 -43.11
CA ASP D 101 -42.25 39.98 -41.70
C ASP D 101 -43.48 39.52 -40.95
N VAL D 102 -44.47 40.39 -40.81
CA VAL D 102 -45.67 39.99 -40.08
C VAL D 102 -46.22 38.64 -40.58
N ALA D 103 -46.26 38.44 -41.88
CA ALA D 103 -46.77 37.17 -42.39
C ALA D 103 -45.91 36.02 -41.83
N GLN D 104 -44.59 36.14 -42.03
CA GLN D 104 -43.61 35.16 -41.57
C GLN D 104 -43.72 34.96 -40.06
N GLY D 105 -44.08 36.04 -39.35
CA GLY D 105 -44.25 35.94 -37.91
C GLY D 105 -45.44 35.03 -37.61
N LYS D 106 -46.56 35.27 -38.27
CA LYS D 106 -47.76 34.45 -38.09
C LYS D 106 -47.51 33.02 -38.53
N THR D 107 -46.79 32.85 -39.63
CA THR D 107 -46.51 31.52 -40.16
C THR D 107 -45.64 30.76 -39.16
N ARG D 108 -44.70 31.49 -38.59
CA ARG D 108 -43.79 30.91 -37.62
C ARG D 108 -44.61 30.47 -36.42
N THR D 109 -45.31 31.43 -35.82
CA THR D 109 -46.15 31.12 -34.66
C THR D 109 -47.02 29.92 -34.96
N LEU D 110 -47.49 29.79 -36.21
CA LEU D 110 -48.34 28.67 -36.56
C LEU D 110 -47.60 27.34 -36.52
N MET D 111 -46.49 27.26 -37.26
CA MET D 111 -45.70 26.04 -37.28
C MET D 111 -45.41 25.57 -35.85
N GLU D 112 -45.04 26.52 -35.00
CA GLU D 112 -44.69 26.29 -33.61
C GLU D 112 -45.81 25.92 -32.65
N LYS D 113 -47.04 25.83 -33.14
CA LYS D 113 -48.14 25.46 -32.25
C LYS D 113 -49.04 24.36 -32.78
N ASP D 114 -48.96 24.06 -34.07
CA ASP D 114 -49.77 22.97 -34.59
C ASP D 114 -48.88 21.85 -35.09
N SER D 115 -47.89 22.22 -35.89
CA SER D 115 -46.99 21.24 -36.48
C SER D 115 -45.83 20.78 -35.59
N TYR D 116 -45.27 21.68 -34.80
CA TYR D 116 -44.14 21.33 -33.96
C TYR D 116 -44.46 20.34 -32.83
N PRO D 117 -45.48 20.63 -32.02
CA PRO D 117 -45.79 19.69 -30.93
C PRO D 117 -46.08 18.29 -31.50
N ARG D 118 -46.44 18.24 -32.78
CA ARG D 118 -46.74 17.00 -33.46
C ARG D 118 -45.48 16.50 -34.19
N PHE D 119 -44.42 17.30 -34.13
CA PHE D 119 -43.15 16.92 -34.76
C PHE D 119 -42.34 16.15 -33.74
N LEU D 120 -42.31 16.66 -32.51
CA LEU D 120 -41.60 16.01 -31.42
C LEU D 120 -42.10 14.58 -31.34
N LYS D 121 -43.26 14.39 -30.71
CA LYS D 121 -43.85 13.06 -30.57
C LYS D 121 -44.08 12.47 -31.97
N SER D 122 -43.00 12.09 -32.66
CA SER D 122 -43.15 11.52 -34.00
C SER D 122 -41.99 10.60 -34.35
N PRO D 123 -42.16 9.79 -35.39
CA PRO D 123 -41.11 8.87 -35.83
C PRO D 123 -39.96 9.61 -36.51
N ALA D 124 -40.29 10.76 -37.11
CA ALA D 124 -39.30 11.57 -37.82
C ALA D 124 -38.25 12.18 -36.88
N TYR D 125 -38.64 12.44 -35.64
CA TYR D 125 -37.76 13.04 -34.62
C TYR D 125 -37.20 11.97 -33.66
#